data_9VK1
#
_entry.id   9VK1
#
_cell.length_a   1.00
_cell.length_b   1.00
_cell.length_c   1.00
_cell.angle_alpha   90.00
_cell.angle_beta   90.00
_cell.angle_gamma   90.00
#
_symmetry.space_group_name_H-M   'P 1'
#
loop_
_entity.id
_entity.type
_entity.pdbx_description
1 polymer 'Diacylglycerol O-acyltransferase 1'
2 non-polymer 'S-{(3R,5R,9R)-1-[(2R,3S,4R,5R)-5-(6-amino-9H-purin-9-yl)-4-hydroxy-3-(phosphonooxy)tetrahydrofuran-2-yl]-3,5,9-trihydroxy-8,8-dimethyl-3,5-dioxido-10,14-dioxo-2,4,6-trioxa-11,15-diaza-3lambda~5~,5lambda~5~-diphosphaheptadecan-17-yl} (9Z)-octadec-9-enethioate (non-preferred name)'
#
_entity_poly.entity_id   1
_entity_poly.type   'polypeptide(L)'
_entity_poly.pdbx_seq_one_letter_code
;MAILDSAGVTTVTENGGGEFVDLDRLRRRKSRSDSSNGLLLSGSDNNSPSDDVGAPADVRDRIDSVVNDDAQGTANLAGD
NNGGGDNNGGGRGGGEGRGNADATFTYRPSVPAHRRARESPLSSDAIFKQSHAGLFNLCVVVLIAVNSRLIIENLMKYGW
LIRTDFWFSSRSLRDWPLFMCCISLSIFPLAAFTVEKLVLQKYISEPVVIFLHIIITMTEVLYPVYVTLRCDSAFLSGVT
LMLLTCIVWLKLVSYAHTSYDIRSLANAADKANPEVSYYVSLKSLAYFMVAPTLCYQPSYPRSACIRKGWVARQFAKLVI
FTGFMGFIIEQYINPIVRNSKHPLKGDLLYAIERVLKLSVPNLYVWLCMFYCFFHLWLNILAELLCFGDREFYKDWWNAK
SVGDYWRMWNMPVHKWMVRHIYFPCLRSKIPKTLAIIIAFLVSAVFHELCIAVPCRLFKLWAFLGIMFQVPLVFITNYLQ
ERFGSTVGNMIFWFIFCIFGQPMCVLLYYHDLMNRKGSMSGPHHHHHH
;
_entity_poly.pdbx_strand_id   A,B
#
# COMPACT_ATOMS: atom_id res chain seq x y z
N HIS A 132 6.78 -7.18 0.78
CA HIS A 132 5.49 -6.52 0.64
C HIS A 132 5.67 -5.00 0.52
N ALA A 133 6.93 -4.58 0.39
CA ALA A 133 7.30 -3.18 0.53
C ALA A 133 7.16 -2.39 -0.77
N GLY A 134 6.84 -3.03 -1.89
CA GLY A 134 6.78 -2.32 -3.15
C GLY A 134 5.53 -1.47 -3.33
N LEU A 135 4.43 -1.86 -2.68
CA LEU A 135 3.20 -1.08 -2.81
C LEU A 135 3.25 0.18 -1.95
N PHE A 136 3.95 0.13 -0.82
CA PHE A 136 4.33 1.36 -0.12
C PHE A 136 5.30 2.18 -0.96
N ASN A 137 6.19 1.50 -1.69
CA ASN A 137 7.21 2.17 -2.49
C ASN A 137 6.62 2.87 -3.69
N LEU A 138 5.46 2.42 -4.18
CA LEU A 138 4.83 3.00 -5.36
C LEU A 138 4.26 4.39 -5.11
N CYS A 139 3.94 4.69 -3.85
CA CYS A 139 3.32 5.96 -3.48
C CYS A 139 4.27 7.15 -3.61
N VAL A 140 5.59 6.91 -3.67
CA VAL A 140 6.52 7.98 -4.00
C VAL A 140 6.91 7.97 -5.48
N VAL A 141 6.71 6.84 -6.18
CA VAL A 141 6.87 6.82 -7.63
C VAL A 141 5.81 7.69 -8.28
N VAL A 142 4.57 7.58 -7.81
CA VAL A 142 3.50 8.40 -8.38
C VAL A 142 3.59 9.86 -7.95
N LEU A 143 4.37 10.17 -6.91
CA LEU A 143 4.61 11.56 -6.54
C LEU A 143 5.80 12.18 -7.27
N ILE A 144 6.80 11.37 -7.64
CA ILE A 144 7.78 11.86 -8.62
C ILE A 144 7.12 11.99 -9.99
N ALA A 145 6.20 11.09 -10.32
CA ALA A 145 5.66 11.00 -11.67
C ALA A 145 4.66 12.12 -11.98
N VAL A 146 3.67 12.32 -11.12
CA VAL A 146 2.80 13.48 -11.26
C VAL A 146 3.56 14.71 -10.80
N ASN A 147 3.42 15.81 -11.56
CA ASN A 147 4.26 17.02 -11.60
C ASN A 147 5.75 16.70 -11.44
N SER A 148 6.24 15.91 -12.41
CA SER A 148 7.68 15.66 -12.54
C SER A 148 8.43 16.91 -12.93
N ARG A 149 7.77 17.78 -13.69
CA ARG A 149 8.37 19.00 -14.23
C ARG A 149 8.79 19.95 -13.12
N LEU A 150 7.90 20.20 -12.16
CA LEU A 150 8.21 21.03 -11.01
C LEU A 150 9.10 20.34 -9.98
N ILE A 151 9.41 19.06 -10.16
CA ILE A 151 10.53 18.43 -9.47
C ILE A 151 11.83 18.68 -10.21
N ILE A 152 11.87 18.62 -11.54
CA ILE A 152 13.16 18.78 -12.21
C ILE A 152 13.53 20.25 -12.42
N GLU A 153 12.64 21.22 -12.17
CA GLU A 153 13.12 22.61 -12.04
C GLU A 153 13.57 22.86 -10.62
N ASN A 154 14.78 22.38 -10.32
CA ASN A 154 15.57 22.89 -9.21
C ASN A 154 17.03 22.68 -9.55
N LEU A 155 17.89 23.48 -8.91
CA LEU A 155 19.31 23.46 -9.24
C LEU A 155 20.01 22.27 -8.61
N MET A 156 20.02 22.21 -7.27
CA MET A 156 20.69 21.12 -6.56
C MET A 156 20.08 21.01 -5.16
N LYS A 157 19.43 19.86 -4.89
CA LYS A 157 18.79 19.51 -3.62
C LYS A 157 17.72 20.56 -3.26
N TYR A 158 16.75 20.66 -4.17
CA TYR A 158 15.66 21.65 -4.20
C TYR A 158 16.21 23.08 -4.12
N GLY A 159 16.92 23.46 -5.19
CA GLY A 159 17.68 24.70 -5.19
C GLY A 159 16.84 25.96 -5.20
N TRP A 160 15.60 25.86 -5.69
CA TRP A 160 14.69 26.99 -5.63
C TRP A 160 13.82 27.00 -4.38
N LEU A 161 13.73 25.88 -3.67
CA LEU A 161 12.98 25.78 -2.42
C LEU A 161 13.87 25.14 -1.37
N ILE A 162 14.73 25.94 -0.75
CA ILE A 162 15.66 25.46 0.27
C ILE A 162 15.60 26.39 1.47
N ARG A 163 15.49 25.78 2.67
CA ARG A 163 15.29 26.46 3.97
C ARG A 163 14.05 27.36 3.95
N THR A 164 12.99 26.90 3.29
CA THR A 164 11.73 27.61 3.18
C THR A 164 10.54 26.79 3.66
N ASP A 165 10.50 25.49 3.34
CA ASP A 165 9.52 24.57 3.89
C ASP A 165 10.21 23.50 4.70
N PHE A 166 9.60 23.17 5.85
CA PHE A 166 10.23 22.52 6.99
C PHE A 166 11.54 23.23 7.34
N TRP A 167 11.41 24.52 7.56
CA TRP A 167 12.53 25.45 7.51
C TRP A 167 13.11 25.72 8.88
N PHE A 168 14.42 25.92 8.89
CA PHE A 168 15.15 26.41 10.05
C PHE A 168 16.11 27.45 9.47
N SER A 169 15.79 28.72 9.70
CA SER A 169 16.58 29.80 9.16
C SER A 169 17.90 29.92 9.93
N SER A 170 18.92 30.41 9.22
CA SER A 170 20.32 30.50 9.67
C SER A 170 20.85 29.13 10.10
N ARG A 171 21.01 28.24 9.12
CA ARG A 171 21.56 26.90 9.43
C ARG A 171 22.98 27.08 9.97
N SER A 172 23.71 28.07 9.46
CA SER A 172 25.06 28.37 9.98
C SER A 172 24.92 28.86 11.43
N LEU A 173 25.92 28.58 12.28
CA LEU A 173 25.85 28.97 13.72
C LEU A 173 24.77 28.10 14.39
N ARG A 174 23.57 28.05 13.81
CA ARG A 174 22.45 27.23 14.38
C ARG A 174 22.35 27.42 15.90
N ASP A 175 22.39 28.66 16.38
CA ASP A 175 22.30 28.95 17.85
C ASP A 175 21.10 29.86 18.12
N TRP A 176 19.96 29.27 18.51
CA TRP A 176 18.77 30.05 18.82
C TRP A 176 18.54 30.03 20.32
N PRO A 177 18.04 31.12 20.91
CA PRO A 177 17.87 31.16 22.38
C PRO A 177 16.75 30.28 22.93
N LEU A 178 15.94 29.67 22.07
CA LEU A 178 15.08 28.57 22.49
C LEU A 178 15.68 27.22 22.17
N PHE A 179 16.66 27.16 21.25
CA PHE A 179 17.38 25.93 20.97
C PHE A 179 18.39 25.59 22.07
N MET A 180 19.07 26.60 22.63
CA MET A 180 19.80 26.34 23.87
C MET A 180 18.90 26.37 25.10
N CYS A 181 17.63 26.72 24.96
CA CYS A 181 16.67 26.48 26.03
C CYS A 181 15.91 25.18 25.82
N CYS A 182 16.21 24.43 24.77
CA CYS A 182 15.78 23.04 24.66
C CYS A 182 16.60 22.11 25.55
N ILE A 183 17.79 22.54 25.96
CA ILE A 183 18.55 21.81 26.97
C ILE A 183 18.37 22.41 28.36
N SER A 184 17.64 23.53 28.47
CA SER A 184 17.30 24.09 29.77
C SER A 184 16.14 23.37 30.44
N LEU A 185 15.45 22.49 29.71
CA LEU A 185 14.48 21.60 30.35
C LEU A 185 15.13 20.33 30.87
N SER A 186 16.44 20.17 30.73
CA SER A 186 17.16 19.00 31.21
C SER A 186 17.67 19.17 32.63
N ILE A 187 17.54 20.35 33.22
CA ILE A 187 17.96 20.52 34.61
C ILE A 187 16.87 20.00 35.55
N PHE A 188 15.64 19.85 35.08
CA PHE A 188 14.55 19.28 35.86
C PHE A 188 14.57 17.74 35.99
N PRO A 189 15.05 16.94 35.00
CA PRO A 189 15.43 15.55 35.35
C PRO A 189 16.52 15.45 36.40
N LEU A 190 17.48 16.38 36.39
CA LEU A 190 18.47 16.44 37.45
C LEU A 190 17.85 16.85 38.78
N ALA A 191 16.81 17.69 38.73
CA ALA A 191 16.06 18.05 39.93
C ALA A 191 15.26 16.86 40.49
N ALA A 192 14.72 16.04 39.58
CA ALA A 192 14.05 14.80 39.98
C ALA A 192 15.03 13.80 40.58
N PHE A 193 16.27 13.76 40.05
CA PHE A 193 17.30 12.93 40.67
C PHE A 193 17.71 13.47 42.05
N THR A 194 17.74 14.81 42.23
CA THR A 194 18.07 15.34 43.56
C THR A 194 16.97 15.05 44.58
N VAL A 195 15.70 15.13 44.17
CA VAL A 195 14.63 14.82 45.14
C VAL A 195 14.51 13.31 45.36
N GLU A 196 14.89 12.49 44.38
CA GLU A 196 15.04 11.05 44.58
C GLU A 196 16.19 10.73 45.52
N LYS A 197 17.26 11.53 45.48
CA LYS A 197 18.35 11.39 46.43
C LYS A 197 17.97 11.87 47.81
N LEU A 198 17.07 12.86 47.92
CA LEU A 198 16.56 13.26 49.23
C LEU A 198 15.71 12.16 49.85
N VAL A 199 14.85 11.51 49.05
CA VAL A 199 13.99 10.48 49.65
C VAL A 199 14.76 9.16 49.84
N LEU A 200 15.78 8.88 49.03
CA LEU A 200 16.51 7.63 49.19
C LEU A 200 17.63 7.72 50.20
N GLN A 201 18.01 8.92 50.63
CA GLN A 201 18.91 9.10 51.76
C GLN A 201 18.18 9.61 52.99
N LYS A 202 16.84 9.54 52.97
CA LYS A 202 15.94 9.77 54.11
C LYS A 202 16.04 11.20 54.63
N TYR A 203 16.23 12.16 53.72
CA TYR A 203 16.30 13.57 54.10
C TYR A 203 14.93 14.10 54.49
N ILE A 204 13.87 13.59 53.86
CA ILE A 204 12.50 14.04 54.12
C ILE A 204 11.57 12.88 53.79
N SER A 205 10.32 12.98 54.26
CA SER A 205 9.35 11.87 54.07
C SER A 205 8.88 11.74 52.62
N GLU A 206 8.20 10.64 52.29
CA GLU A 206 7.72 10.39 50.91
C GLU A 206 6.70 11.43 50.44
N PRO A 207 5.70 11.88 51.25
CA PRO A 207 4.70 12.80 50.74
C PRO A 207 5.34 14.10 50.26
N VAL A 208 6.34 14.59 51.01
CA VAL A 208 6.99 15.89 50.64
C VAL A 208 7.63 15.74 49.25
N VAL A 209 8.31 14.62 49.01
CA VAL A 209 8.98 14.39 47.69
C VAL A 209 7.90 14.32 46.60
N ILE A 210 6.74 13.72 46.90
CA ILE A 210 5.64 13.62 45.91
C ILE A 210 5.19 15.05 45.55
N PHE A 211 5.10 15.93 46.55
CA PHE A 211 4.71 17.35 46.29
C PHE A 211 5.79 17.98 45.41
N LEU A 212 7.06 17.66 45.69
CA LEU A 212 8.18 18.21 44.88
C LEU A 212 8.05 17.70 43.43
N HIS A 213 7.70 16.43 43.25
CA HIS A 213 7.50 15.90 41.87
C HIS A 213 6.36 16.67 41.20
N ILE A 214 5.29 16.95 41.96
CA ILE A 214 4.11 17.68 41.39
C ILE A 214 4.56 19.08 40.94
N ILE A 215 5.37 19.76 41.76
CA ILE A 215 5.78 21.16 41.41
C ILE A 215 6.82 21.10 40.29
N ILE A 216 7.74 20.13 40.34
CA ILE A 216 8.70 19.99 39.24
C ILE A 216 7.99 19.75 37.89
N THR A 217 7.00 18.86 37.83
CA THR A 217 6.31 18.70 36.55
C THR A 217 5.26 19.77 36.25
N MET A 218 4.95 20.68 37.18
CA MET A 218 4.15 21.85 36.83
C MET A 218 5.00 23.03 36.41
N THR A 219 6.24 23.12 36.91
CA THR A 219 7.23 24.02 36.32
C THR A 219 7.61 23.57 34.91
N GLU A 220 7.56 22.26 34.64
CA GLU A 220 7.65 21.72 33.29
C GLU A 220 6.51 22.20 32.37
N VAL A 221 5.35 22.56 32.93
CA VAL A 221 4.32 23.21 32.13
C VAL A 221 4.59 24.71 32.01
N LEU A 222 4.85 25.36 33.15
CA LEU A 222 4.79 26.83 33.20
C LEU A 222 6.04 27.53 32.68
N TYR A 223 7.20 26.90 32.73
CA TYR A 223 8.44 27.54 32.29
C TYR A 223 8.67 27.56 30.77
N PRO A 224 8.49 26.46 29.98
CA PRO A 224 8.71 26.62 28.53
C PRO A 224 7.62 27.37 27.80
N VAL A 225 6.43 27.54 28.37
CA VAL A 225 5.48 28.47 27.75
C VAL A 225 5.93 29.90 27.98
N TYR A 226 6.59 30.19 29.11
CA TYR A 226 7.20 31.50 29.32
C TYR A 226 8.43 31.69 28.43
N VAL A 227 9.10 30.59 28.09
CA VAL A 227 10.21 30.64 27.14
C VAL A 227 9.69 30.92 25.72
N THR A 228 8.55 30.31 25.35
CA THR A 228 8.04 30.51 24.00
C THR A 228 7.18 31.77 23.85
N LEU A 229 6.77 32.43 24.94
CA LEU A 229 6.10 33.72 24.79
C LEU A 229 7.08 34.89 24.91
N ARG A 230 7.76 34.99 26.05
CA ARG A 230 8.74 36.05 26.26
C ARG A 230 10.08 35.61 25.68
N CYS A 231 10.77 36.56 25.03
CA CYS A 231 11.90 36.34 24.11
C CYS A 231 11.55 35.28 23.06
N ASP A 232 10.58 35.68 22.23
CA ASP A 232 9.90 34.79 21.28
C ASP A 232 10.82 34.42 20.12
N SER A 233 10.38 33.43 19.37
CA SER A 233 11.12 32.91 18.22
C SER A 233 10.11 32.44 17.18
N ALA A 234 10.57 31.60 16.25
CA ALA A 234 9.74 31.12 15.16
C ALA A 234 8.70 30.13 15.66
N PHE A 235 7.69 29.89 14.81
CA PHE A 235 6.58 29.03 15.18
C PHE A 235 6.96 27.55 15.19
N LEU A 236 7.81 27.14 14.25
CA LEU A 236 8.19 25.73 14.16
C LEU A 236 9.17 25.34 15.28
N SER A 237 10.04 26.27 15.68
CA SER A 237 10.90 26.06 16.84
C SER A 237 10.08 25.99 18.12
N GLY A 238 9.03 26.80 18.22
CA GLY A 238 8.11 26.70 19.33
C GLY A 238 7.31 25.40 19.33
N VAL A 239 6.97 24.89 18.14
CA VAL A 239 6.22 23.64 18.04
C VAL A 239 7.08 22.46 18.44
N THR A 240 8.34 22.42 18.00
CA THR A 240 9.21 21.32 18.43
C THR A 240 9.67 21.48 19.88
N LEU A 241 9.71 22.72 20.42
CA LEU A 241 9.98 22.89 21.83
C LEU A 241 8.81 22.42 22.68
N MET A 242 7.58 22.67 22.23
CA MET A 242 6.41 22.19 22.94
C MET A 242 6.26 20.68 22.82
N LEU A 243 6.67 20.09 21.69
CA LEU A 243 6.66 18.64 21.56
C LEU A 243 7.69 17.98 22.46
N LEU A 244 8.90 18.57 22.54
CA LEU A 244 9.91 18.08 23.48
C LEU A 244 9.49 18.31 24.93
N THR A 245 8.76 19.40 25.20
CA THR A 245 8.19 19.65 26.52
C THR A 245 7.17 18.59 26.91
N CYS A 246 6.29 18.22 25.96
CA CYS A 246 5.30 17.18 26.20
C CYS A 246 5.93 15.82 26.43
N ILE A 247 6.92 15.46 25.60
CA ILE A 247 7.61 14.18 25.70
C ILE A 247 8.41 14.09 27.01
N VAL A 248 9.08 15.18 27.39
CA VAL A 248 9.83 15.24 28.64
C VAL A 248 8.89 15.23 29.85
N TRP A 249 7.68 15.80 29.73
CA TRP A 249 6.69 15.72 30.81
C TRP A 249 6.18 14.30 31.01
N LEU A 250 5.91 13.57 29.92
CA LEU A 250 5.51 12.16 30.03
C LEU A 250 6.63 11.32 30.61
N LYS A 251 7.84 11.59 30.15
CA LYS A 251 9.00 10.81 30.61
C LYS A 251 9.19 11.09 32.10
N LEU A 252 8.89 12.31 32.54
CA LEU A 252 9.14 12.66 33.96
C LEU A 252 8.06 12.00 34.84
N VAL A 253 6.79 12.09 34.44
CA VAL A 253 5.69 11.50 35.20
C VAL A 253 5.80 9.98 35.23
N SER A 254 6.28 9.37 34.15
CA SER A 254 6.53 7.93 34.14
C SER A 254 7.71 7.56 35.02
N TYR A 255 8.75 8.41 35.09
CA TYR A 255 9.86 8.19 36.00
C TYR A 255 9.43 8.31 37.45
N ALA A 256 8.56 9.29 37.75
CA ALA A 256 8.05 9.47 39.11
C ALA A 256 7.16 8.32 39.54
N HIS A 257 6.29 7.83 38.65
CA HIS A 257 5.40 6.74 38.98
C HIS A 257 6.15 5.41 39.12
N THR A 258 7.14 5.17 38.25
CA THR A 258 7.94 3.95 38.37
C THR A 258 8.85 3.96 39.58
N SER A 259 9.40 5.13 39.93
CA SER A 259 10.22 5.24 41.13
C SER A 259 9.39 5.09 42.39
N TYR A 260 8.17 5.62 42.40
CA TYR A 260 7.25 5.42 43.52
C TYR A 260 6.81 3.97 43.63
N ASP A 261 6.62 3.28 42.49
CA ASP A 261 6.24 1.87 42.52
C ASP A 261 7.36 0.98 43.01
N ILE A 262 8.61 1.22 42.57
CA ILE A 262 9.71 0.42 43.09
C ILE A 262 10.09 0.81 44.51
N ARG A 263 9.77 2.04 44.95
CA ARG A 263 9.99 2.39 46.35
C ARG A 263 8.95 1.75 47.26
N SER A 264 7.70 1.64 46.78
CA SER A 264 6.68 0.95 47.55
C SER A 264 6.89 -0.56 47.54
N LEU A 265 7.49 -1.09 46.47
CA LEU A 265 7.84 -2.51 46.45
C LEU A 265 9.03 -2.80 47.35
N ALA A 266 10.00 -1.89 47.40
CA ALA A 266 11.21 -2.12 48.19
C ALA A 266 11.02 -1.84 49.68
N ASN A 267 9.96 -1.14 50.07
CA ASN A 267 9.74 -0.80 51.47
C ASN A 267 8.88 -1.82 52.20
N ALA A 268 8.46 -2.90 51.53
CA ALA A 268 7.70 -3.94 52.22
C ALA A 268 8.59 -4.75 53.14
N ALA A 269 9.84 -4.99 52.73
CA ALA A 269 10.83 -5.70 53.54
C ALA A 269 12.01 -4.79 53.80
N ASP A 270 13.05 -5.35 54.43
CA ASP A 270 14.28 -4.61 54.74
C ASP A 270 15.42 -4.99 53.80
N LYS A 271 15.10 -5.22 52.52
CA LYS A 271 16.13 -5.55 51.54
C LYS A 271 16.96 -4.32 51.18
N ALA A 272 16.30 -3.18 50.98
CA ALA A 272 16.83 -1.85 50.60
C ALA A 272 17.57 -2.00 49.26
N ASN A 273 18.69 -1.32 49.06
CA ASN A 273 19.43 -1.40 47.81
C ASN A 273 20.91 -1.15 48.08
N PRO A 274 21.67 -2.21 48.37
CA PRO A 274 23.13 -2.06 48.38
C PRO A 274 23.66 -1.92 46.96
N GLU A 275 24.81 -1.26 46.85
CA GLU A 275 25.49 -0.90 45.59
C GLU A 275 24.55 -0.07 44.69
N VAL A 276 24.27 1.15 45.18
CA VAL A 276 23.26 2.01 44.57
C VAL A 276 23.71 2.49 43.20
N SER A 277 25.01 2.82 43.06
CA SER A 277 25.69 3.16 41.81
C SER A 277 25.07 4.39 41.13
N TYR A 278 25.24 5.53 41.81
CA TYR A 278 24.54 6.76 41.42
C TYR A 278 25.05 7.36 40.12
N TYR A 279 26.29 7.04 39.69
CA TYR A 279 26.67 7.32 38.30
C TYR A 279 25.85 6.48 37.34
N VAL A 280 25.65 5.19 37.64
CA VAL A 280 24.92 4.33 36.73
C VAL A 280 23.42 4.62 36.80
N SER A 281 22.94 5.10 37.95
CA SER A 281 21.55 5.56 38.02
C SER A 281 21.35 6.87 37.27
N LEU A 282 22.35 7.77 37.33
CA LEU A 282 22.35 9.00 36.53
C LEU A 282 22.37 8.70 35.03
N LYS A 283 23.21 7.74 34.63
CA LYS A 283 23.29 7.33 33.24
C LYS A 283 22.04 6.59 32.79
N SER A 284 21.39 5.85 33.70
CA SER A 284 20.14 5.17 33.37
C SER A 284 19.00 6.17 33.19
N LEU A 285 18.95 7.21 34.03
CA LEU A 285 17.93 8.24 33.88
C LEU A 285 18.16 9.07 32.62
N ALA A 286 19.41 9.43 32.33
CA ALA A 286 19.71 10.19 31.11
C ALA A 286 19.50 9.35 29.85
N TYR A 287 19.84 8.07 29.91
CA TYR A 287 19.62 7.16 28.79
C TYR A 287 18.15 6.92 28.56
N PHE A 288 17.35 6.91 29.64
CA PHE A 288 15.89 6.90 29.50
C PHE A 288 15.38 8.20 28.90
N MET A 289 16.05 9.31 29.18
CA MET A 289 15.59 10.60 28.66
C MET A 289 15.87 10.76 27.18
N VAL A 290 16.94 10.14 26.66
CA VAL A 290 17.15 10.17 25.22
C VAL A 290 16.43 9.02 24.52
N ALA A 291 15.94 8.02 25.28
CA ALA A 291 15.30 6.84 24.71
C ALA A 291 13.93 7.17 24.08
N PRO A 292 13.55 6.46 23.00
CA PRO A 292 12.22 6.64 22.40
C PRO A 292 11.13 5.78 23.05
N THR A 293 11.07 5.80 24.37
CA THR A 293 9.99 5.14 25.09
C THR A 293 9.68 5.98 26.33
N LEU A 294 8.49 5.76 26.87
CA LEU A 294 7.98 6.54 28.00
C LEU A 294 7.67 5.63 29.18
N CYS A 295 8.56 4.69 29.47
CA CYS A 295 8.37 3.80 30.62
C CYS A 295 9.77 3.49 31.16
N TYR A 296 10.09 4.03 32.32
CA TYR A 296 11.44 3.94 32.87
C TYR A 296 11.62 2.64 33.63
N GLN A 297 12.64 1.88 33.25
CA GLN A 297 13.17 0.79 34.03
C GLN A 297 14.68 0.94 34.10
N PRO A 298 15.31 0.57 35.22
CA PRO A 298 16.78 0.67 35.31
C PRO A 298 17.50 -0.35 34.45
N SER A 299 16.89 -1.49 34.13
CA SER A 299 17.45 -2.49 33.24
C SER A 299 16.65 -2.51 31.95
N TYR A 300 17.33 -2.38 30.83
CA TYR A 300 16.69 -2.28 29.53
C TYR A 300 17.26 -3.34 28.59
N PRO A 301 16.46 -3.84 27.64
CA PRO A 301 17.00 -4.70 26.60
C PRO A 301 17.86 -3.92 25.62
N ARG A 302 18.93 -4.54 25.17
CA ARG A 302 19.93 -3.89 24.32
C ARG A 302 20.03 -4.60 22.98
N SER A 303 20.86 -4.05 22.10
CA SER A 303 21.08 -4.61 20.77
C SER A 303 22.51 -4.28 20.36
N ALA A 304 22.80 -4.40 19.06
CA ALA A 304 24.12 -4.16 18.51
C ALA A 304 24.12 -2.89 17.66
N CYS A 305 25.22 -2.16 17.68
CA CYS A 305 25.39 -0.94 16.92
C CYS A 305 26.52 -1.07 15.90
N ILE A 306 26.59 -2.23 15.24
CA ILE A 306 27.65 -2.49 14.27
C ILE A 306 27.24 -2.12 12.85
N ARG A 307 25.96 -1.84 12.61
CA ARG A 307 25.45 -1.58 11.27
C ARG A 307 25.28 -0.07 11.08
N LYS A 308 26.39 0.59 10.76
CA LYS A 308 26.42 2.05 10.64
C LYS A 308 26.00 2.53 9.26
N GLY A 309 26.22 1.72 8.22
CA GLY A 309 25.74 2.07 6.89
C GLY A 309 24.23 2.05 6.79
N TRP A 310 23.59 1.17 7.55
CA TRP A 310 22.13 1.15 7.70
C TRP A 310 21.63 2.43 8.36
N VAL A 311 22.31 2.84 9.44
CA VAL A 311 21.90 4.08 10.15
C VAL A 311 21.91 5.24 9.15
N ALA A 312 22.99 5.37 8.38
CA ALA A 312 23.11 6.47 7.40
C ALA A 312 22.00 6.33 6.35
N ARG A 313 21.72 5.10 5.91
CA ARG A 313 20.70 4.90 4.85
C ARG A 313 19.33 5.37 5.35
N GLN A 314 18.99 5.03 6.60
CA GLN A 314 17.69 5.47 7.19
C GLN A 314 17.70 7.01 7.29
N PHE A 315 18.83 7.59 7.71
CA PHE A 315 18.94 9.07 7.82
C PHE A 315 18.76 9.69 6.45
N ALA A 316 19.38 9.09 5.42
CA ALA A 316 19.25 9.60 4.04
C ALA A 316 17.78 9.50 3.60
N LYS A 317 17.13 8.39 3.95
CA LYS A 317 15.70 8.20 3.60
C LYS A 317 14.90 9.29 4.33
N LEU A 318 15.24 9.57 5.58
CA LEU A 318 14.51 10.60 6.35
C LEU A 318 14.69 11.98 5.69
N VAL A 319 15.92 12.32 5.29
CA VAL A 319 16.16 13.68 4.73
C VAL A 319 15.41 13.83 3.39
N ILE A 320 15.44 12.79 2.54
CA ILE A 320 14.78 12.91 1.20
C ILE A 320 13.27 13.04 1.42
N PHE A 321 12.72 12.29 2.37
CA PHE A 321 11.26 12.39 2.69
C PHE A 321 10.98 13.79 3.23
N THR A 322 11.87 14.33 4.05
CA THR A 322 11.69 15.70 4.56
C THR A 322 11.62 16.63 3.37
N GLY A 323 12.54 16.50 2.41
CA GLY A 323 12.47 17.31 1.20
C GLY A 323 11.21 17.03 0.39
N PHE A 324 10.77 15.76 0.36
CA PHE A 324 9.50 15.39 -0.26
C PHE A 324 8.31 15.99 0.48
N MET A 325 8.43 16.09 1.81
CA MET A 325 7.40 16.70 2.65
C MET A 325 7.27 18.19 2.33
N GLY A 326 8.41 18.89 2.22
CA GLY A 326 8.38 20.30 1.86
C GLY A 326 7.87 20.55 0.46
N PHE A 327 8.22 19.64 -0.47
CA PHE A 327 7.72 19.72 -1.85
C PHE A 327 6.21 19.50 -1.91
N ILE A 328 5.70 18.50 -1.20
CA ILE A 328 4.27 18.20 -1.29
C ILE A 328 3.46 19.20 -0.44
N ILE A 329 4.08 19.90 0.51
CA ILE A 329 3.37 20.94 1.22
C ILE A 329 3.30 22.21 0.39
N GLU A 330 4.39 22.56 -0.30
CA GLU A 330 4.39 23.77 -1.12
C GLU A 330 3.61 23.59 -2.42
N GLN A 331 3.56 22.39 -2.97
CA GLN A 331 2.85 22.21 -4.24
C GLN A 331 1.36 21.92 -4.09
N TYR A 332 0.94 21.30 -2.99
CA TYR A 332 -0.45 20.87 -2.86
C TYR A 332 -1.26 21.65 -1.84
N ILE A 333 -0.79 21.75 -0.60
CA ILE A 333 -1.59 22.34 0.47
C ILE A 333 -1.55 23.86 0.42
N ASN A 334 -0.38 24.45 0.19
CA ASN A 334 -0.21 25.91 0.17
C ASN A 334 -0.98 26.65 -0.94
N PRO A 335 -1.13 26.17 -2.19
CA PRO A 335 -2.09 26.86 -3.07
C PRO A 335 -3.56 26.56 -2.75
N ILE A 336 -3.87 25.51 -1.99
CA ILE A 336 -5.26 25.13 -1.77
C ILE A 336 -5.83 25.68 -0.47
N VAL A 337 -4.99 26.18 0.44
CA VAL A 337 -5.47 26.77 1.68
C VAL A 337 -5.52 28.29 1.49
N ARG A 338 -4.57 28.83 0.73
CA ARG A 338 -4.45 30.28 0.50
C ARG A 338 -5.55 30.76 -0.44
N ASN A 339 -6.75 30.88 0.11
CA ASN A 339 -7.94 31.37 -0.57
C ASN A 339 -8.93 31.85 0.50
N SER A 340 -10.18 32.04 0.11
CA SER A 340 -11.22 32.40 1.06
C SER A 340 -11.74 31.14 1.75
N LYS A 341 -11.85 31.19 3.07
CA LYS A 341 -12.32 30.06 3.86
C LYS A 341 -13.35 30.53 4.88
N HIS A 342 -14.22 29.61 5.28
CA HIS A 342 -15.30 29.89 6.22
C HIS A 342 -15.31 28.84 7.32
N PRO A 343 -15.78 29.18 8.52
CA PRO A 343 -15.96 28.15 9.56
C PRO A 343 -17.15 27.26 9.25
N LEU A 344 -16.96 25.96 9.45
CA LEU A 344 -17.99 24.98 9.18
C LEU A 344 -19.05 25.00 10.27
N LYS A 345 -20.26 24.56 9.90
CA LYS A 345 -21.39 24.55 10.82
C LYS A 345 -22.03 23.18 10.89
N GLY A 346 -23.20 23.10 11.54
CA GLY A 346 -23.92 21.84 11.60
C GLY A 346 -24.50 21.42 10.26
N ASP A 347 -25.00 22.38 9.48
CA ASP A 347 -25.51 22.12 8.15
C ASP A 347 -24.41 22.41 7.13
N LEU A 348 -24.18 21.44 6.24
CA LEU A 348 -23.13 21.54 5.23
C LEU A 348 -23.71 21.13 3.87
N LEU A 349 -24.14 22.12 3.11
CA LEU A 349 -24.65 21.93 1.76
C LEU A 349 -23.66 22.53 0.78
N TYR A 350 -23.24 21.72 -0.20
CA TYR A 350 -22.26 22.05 -1.25
C TYR A 350 -20.91 22.49 -0.68
N ALA A 351 -20.52 21.92 0.47
CA ALA A 351 -19.25 22.24 1.11
C ALA A 351 -18.54 21.01 1.64
N ILE A 352 -19.09 19.81 1.43
CA ILE A 352 -18.49 18.58 1.93
C ILE A 352 -17.47 18.00 0.97
N GLU A 353 -17.26 18.62 -0.19
CA GLU A 353 -16.22 18.18 -1.11
C GLU A 353 -14.87 18.81 -0.80
N ARG A 354 -14.85 19.93 -0.06
CA ARG A 354 -13.60 20.56 0.30
C ARG A 354 -12.88 19.78 1.40
N VAL A 355 -13.62 19.22 2.36
CA VAL A 355 -13.03 18.57 3.52
C VAL A 355 -12.42 17.20 3.22
N LEU A 356 -12.50 16.72 1.98
CA LEU A 356 -11.73 15.58 1.51
C LEU A 356 -10.70 15.94 0.45
N LYS A 357 -10.99 16.93 -0.40
CA LYS A 357 -10.04 17.31 -1.45
C LYS A 357 -8.85 18.07 -0.89
N LEU A 358 -9.08 18.94 0.09
CA LEU A 358 -7.97 19.53 0.84
C LEU A 358 -7.47 18.66 1.99
N SER A 359 -7.93 17.41 2.11
CA SER A 359 -7.43 16.50 3.13
C SER A 359 -6.66 15.31 2.58
N VAL A 360 -6.87 14.92 1.33
CA VAL A 360 -6.10 13.81 0.74
C VAL A 360 -4.60 14.10 0.60
N PRO A 361 -4.14 15.28 0.10
CA PRO A 361 -2.71 15.59 0.29
C PRO A 361 -2.30 15.76 1.73
N ASN A 362 -3.21 16.19 2.60
CA ASN A 362 -2.93 16.20 4.03
C ASN A 362 -2.89 14.79 4.62
N LEU A 363 -3.66 13.86 4.03
CA LEU A 363 -3.56 12.46 4.41
C LEU A 363 -2.21 11.88 4.03
N TYR A 364 -1.68 12.25 2.86
CA TYR A 364 -0.34 11.78 2.50
C TYR A 364 0.74 12.47 3.32
N VAL A 365 0.52 13.73 3.72
CA VAL A 365 1.45 14.42 4.61
C VAL A 365 1.49 13.77 5.99
N TRP A 366 0.34 13.36 6.52
CA TRP A 366 0.35 12.68 7.82
C TRP A 366 0.90 11.26 7.72
N LEU A 367 0.68 10.57 6.58
CA LEU A 367 1.30 9.27 6.36
C LEU A 367 2.82 9.37 6.27
N CYS A 368 3.34 10.39 5.57
CA CYS A 368 4.78 10.58 5.50
C CYS A 368 5.35 11.11 6.81
N MET A 369 4.55 11.85 7.59
CA MET A 369 4.95 12.29 8.92
C MET A 369 5.08 11.11 9.88
N PHE A 370 4.14 10.16 9.78
CA PHE A 370 4.20 8.93 10.55
C PHE A 370 5.41 8.08 10.15
N TYR A 371 5.69 8.00 8.85
CA TYR A 371 6.84 7.24 8.38
C TYR A 371 8.16 7.90 8.77
N CYS A 372 8.21 9.23 8.77
CA CYS A 372 9.42 9.94 9.15
C CYS A 372 9.68 9.90 10.64
N PHE A 373 8.64 10.01 11.46
CA PHE A 373 8.86 10.02 12.91
C PHE A 373 8.95 8.60 13.46
N PHE A 374 7.91 7.79 13.27
CA PHE A 374 7.82 6.54 14.00
C PHE A 374 8.58 5.39 13.34
N HIS A 375 8.74 5.39 12.02
CA HIS A 375 9.49 4.33 11.38
C HIS A 375 10.95 4.68 11.14
N LEU A 376 11.29 5.97 11.03
CA LEU A 376 12.65 6.34 10.67
C LEU A 376 13.41 6.98 11.83
N TRP A 377 12.88 8.05 12.42
CA TRP A 377 13.62 8.79 13.44
C TRP A 377 13.64 8.04 14.76
N LEU A 378 12.54 7.39 15.12
CA LEU A 378 12.53 6.60 16.35
C LEU A 378 13.32 5.31 16.21
N ASN A 379 13.39 4.75 14.99
CA ASN A 379 14.25 3.57 14.78
C ASN A 379 15.72 3.95 14.80
N ILE A 380 16.06 5.14 14.27
CA ILE A 380 17.44 5.64 14.34
C ILE A 380 17.83 5.91 15.79
N LEU A 381 16.94 6.54 16.56
CA LEU A 381 17.24 6.82 17.97
C LEU A 381 17.17 5.56 18.83
N ALA A 382 16.48 4.52 18.37
CA ALA A 382 16.60 3.21 18.98
C ALA A 382 17.96 2.59 18.69
N GLU A 383 18.45 2.76 17.47
CA GLU A 383 19.67 2.07 17.05
C GLU A 383 20.93 2.73 17.62
N LEU A 384 20.95 4.06 17.72
CA LEU A 384 22.14 4.74 18.24
C LEU A 384 22.28 4.54 19.75
N LEU A 385 21.17 4.34 20.45
CA LEU A 385 21.19 4.07 21.87
C LEU A 385 21.15 2.58 22.18
N CYS A 386 21.12 1.74 21.14
CA CYS A 386 21.08 0.27 21.19
C CYS A 386 19.87 -0.23 21.99
N PHE A 387 18.70 0.05 21.44
CA PHE A 387 17.45 -0.33 22.09
C PHE A 387 17.05 -1.75 21.72
N GLY A 388 16.35 -2.40 22.65
CA GLY A 388 15.96 -3.78 22.48
C GLY A 388 14.68 -4.05 21.72
N ASP A 389 13.91 -3.01 21.38
CA ASP A 389 12.66 -3.21 20.65
C ASP A 389 12.34 -2.00 19.80
N ARG A 390 12.30 -2.20 18.48
CA ARG A 390 11.79 -1.20 17.54
C ARG A 390 10.32 -1.51 17.32
N GLU A 391 9.51 -1.14 18.32
CA GLU A 391 8.16 -1.62 18.49
C GLU A 391 7.09 -0.54 18.44
N PHE A 392 7.46 0.71 18.09
CA PHE A 392 6.63 1.89 18.32
C PHE A 392 5.37 1.91 17.46
N TYR A 393 5.54 1.90 16.14
CA TYR A 393 4.39 1.78 15.25
C TYR A 393 3.92 0.33 15.23
N LYS A 394 2.59 0.14 15.22
CA LYS A 394 2.03 -1.22 15.26
C LYS A 394 0.64 -1.20 14.61
N ASP A 395 0.58 -1.51 13.31
CA ASP A 395 -0.62 -2.03 12.62
C ASP A 395 -1.80 -1.02 12.64
N TRP A 396 -1.48 0.27 12.52
CA TRP A 396 -2.55 1.27 12.65
C TRP A 396 -3.40 1.42 11.40
N TRP A 397 -2.97 0.85 10.26
CA TRP A 397 -3.71 1.00 9.02
C TRP A 397 -4.95 0.10 8.97
N ASN A 398 -4.93 -1.05 9.64
CA ASN A 398 -6.11 -1.92 9.72
C ASN A 398 -6.96 -1.60 10.94
N ALA A 399 -7.33 -0.34 11.11
CA ALA A 399 -8.16 0.05 12.23
C ALA A 399 -9.63 -0.11 11.83
N LYS A 400 -10.33 -1.02 12.50
CA LYS A 400 -11.74 -1.20 12.23
C LYS A 400 -12.58 -0.09 12.84
N SER A 401 -12.05 0.63 13.82
CA SER A 401 -12.71 1.76 14.43
C SER A 401 -11.65 2.62 15.10
N VAL A 402 -11.99 3.88 15.37
CA VAL A 402 -11.19 4.66 16.30
C VAL A 402 -11.55 4.23 17.71
N GLY A 403 -10.63 4.44 18.63
CA GLY A 403 -10.72 3.75 19.91
C GLY A 403 -9.92 2.48 19.86
N ASP A 404 -10.22 1.61 18.88
CA ASP A 404 -9.24 0.63 18.45
C ASP A 404 -8.01 1.30 17.87
N TYR A 405 -8.18 2.38 17.09
CA TYR A 405 -7.05 3.06 16.44
C TYR A 405 -6.16 3.77 17.45
N TRP A 406 -6.75 4.38 18.47
CA TRP A 406 -5.97 5.16 19.44
C TRP A 406 -5.19 4.27 20.39
N ARG A 407 -5.60 3.01 20.55
CA ARG A 407 -4.83 2.05 21.32
C ARG A 407 -3.77 1.35 20.46
N MET A 408 -3.68 1.70 19.18
CA MET A 408 -2.92 0.96 18.18
C MET A 408 -1.84 1.78 17.53
N TRP A 409 -2.03 3.10 17.41
CA TRP A 409 -1.26 3.90 16.46
C TRP A 409 0.17 4.16 16.89
N ASN A 410 0.46 4.20 18.19
CA ASN A 410 1.84 4.14 18.64
C ASN A 410 1.90 3.40 19.97
N MET A 411 2.91 2.57 20.10
CA MET A 411 3.13 1.85 21.36
C MET A 411 3.48 2.72 22.58
N PRO A 412 4.44 3.68 22.55
CA PRO A 412 4.90 4.25 23.84
C PRO A 412 3.91 5.19 24.55
N VAL A 413 3.17 6.03 23.81
CA VAL A 413 2.21 6.87 24.51
C VAL A 413 0.98 6.06 24.94
N HIS A 414 0.63 4.99 24.21
CA HIS A 414 -0.48 4.14 24.62
C HIS A 414 -0.11 3.29 25.83
N LYS A 415 1.15 2.87 25.91
CA LYS A 415 1.66 2.24 27.12
C LYS A 415 1.69 3.21 28.29
N TRP A 416 1.94 4.50 28.01
CA TRP A 416 1.90 5.50 29.07
C TRP A 416 0.49 5.72 29.61
N MET A 417 -0.54 5.75 28.74
CA MET A 417 -1.91 5.88 29.22
C MET A 417 -2.38 4.62 29.94
N VAL A 418 -2.02 3.42 29.46
CA VAL A 418 -2.47 2.22 30.16
C VAL A 418 -1.60 1.87 31.36
N ARG A 419 -0.49 2.57 31.58
CA ARG A 419 0.28 2.34 32.78
C ARG A 419 0.12 3.41 33.85
N HIS A 420 -0.28 4.63 33.48
CA HIS A 420 -0.23 5.72 34.45
C HIS A 420 -1.54 6.44 34.71
N ILE A 421 -2.53 6.37 33.81
CA ILE A 421 -3.73 7.17 34.00
C ILE A 421 -4.99 6.31 33.98
N TYR A 422 -5.12 5.45 32.96
CA TYR A 422 -6.30 4.60 32.81
C TYR A 422 -6.35 3.52 33.89
N PHE A 423 -5.26 2.83 34.11
CA PHE A 423 -5.26 1.67 35.00
C PHE A 423 -5.15 2.08 36.48
N PRO A 424 -4.44 3.17 36.88
CA PRO A 424 -4.73 3.76 38.20
C PRO A 424 -6.17 4.22 38.41
N CYS A 425 -6.87 4.65 37.36
CA CYS A 425 -8.30 4.89 37.50
C CYS A 425 -9.08 3.59 37.65
N LEU A 426 -8.61 2.51 37.01
CA LEU A 426 -9.30 1.22 37.04
C LEU A 426 -8.83 0.31 38.16
N ARG A 427 -7.97 0.80 39.06
CA ARG A 427 -7.64 0.04 40.26
C ARG A 427 -8.85 -0.10 41.18
N SER A 428 -9.50 1.02 41.49
CA SER A 428 -10.71 1.03 42.31
C SER A 428 -11.50 2.29 41.99
N LYS A 429 -12.80 2.23 42.27
CA LYS A 429 -13.80 3.30 42.45
C LYS A 429 -14.04 4.21 41.24
N ILE A 430 -13.34 4.03 40.12
CA ILE A 430 -13.65 4.73 38.87
C ILE A 430 -13.79 3.69 37.77
N PRO A 431 -14.88 3.67 37.01
CA PRO A 431 -14.99 2.75 35.87
C PRO A 431 -14.28 3.33 34.65
N LYS A 432 -14.28 2.55 33.56
CA LYS A 432 -13.60 2.96 32.34
C LYS A 432 -14.39 4.04 31.58
N THR A 433 -15.69 4.17 31.86
CA THR A 433 -16.61 5.07 31.16
C THR A 433 -16.53 6.51 31.64
N LEU A 434 -15.56 6.84 32.49
CA LEU A 434 -15.05 8.19 32.65
C LEU A 434 -13.54 8.23 32.49
N ALA A 435 -12.87 7.06 32.53
CA ALA A 435 -11.43 6.99 32.39
C ALA A 435 -10.99 7.30 30.97
N ILE A 436 -11.78 6.87 29.98
CA ILE A 436 -11.47 7.18 28.58
C ILE A 436 -11.63 8.69 28.32
N ILE A 437 -12.60 9.33 28.98
CA ILE A 437 -12.81 10.76 28.81
C ILE A 437 -11.71 11.57 29.50
N ILE A 438 -11.26 11.13 30.68
CA ILE A 438 -10.20 11.90 31.34
C ILE A 438 -8.83 11.66 30.69
N ALA A 439 -8.60 10.47 30.10
CA ALA A 439 -7.36 10.23 29.36
C ALA A 439 -7.34 11.02 28.05
N PHE A 440 -8.47 11.08 27.36
CA PHE A 440 -8.52 11.93 26.17
C PHE A 440 -8.57 13.42 26.52
N LEU A 441 -8.99 13.79 27.73
CA LEU A 441 -8.91 15.17 28.17
C LEU A 441 -7.46 15.60 28.36
N VAL A 442 -6.64 14.73 28.98
CA VAL A 442 -5.25 15.12 29.15
C VAL A 442 -4.49 15.03 27.82
N SER A 443 -4.94 14.16 26.89
CA SER A 443 -4.37 14.16 25.55
C SER A 443 -4.78 15.40 24.76
N ALA A 444 -6.00 15.90 25.00
CA ALA A 444 -6.45 17.17 24.43
C ALA A 444 -5.64 18.34 24.97
N VAL A 445 -5.30 18.29 26.26
CA VAL A 445 -4.46 19.31 26.89
C VAL A 445 -3.06 19.30 26.27
N PHE A 446 -2.52 18.10 26.00
CA PHE A 446 -1.21 17.99 25.37
C PHE A 446 -1.21 18.46 23.92
N HIS A 447 -2.28 18.16 23.17
CA HIS A 447 -2.37 18.61 21.79
C HIS A 447 -2.59 20.12 21.70
N GLU A 448 -3.35 20.69 22.63
CA GLU A 448 -3.55 22.14 22.66
C GLU A 448 -2.28 22.86 23.08
N LEU A 449 -1.53 22.30 24.05
CA LEU A 449 -0.24 22.85 24.44
C LEU A 449 0.80 22.71 23.34
N CYS A 450 0.67 21.67 22.51
CA CYS A 450 1.58 21.48 21.39
C CYS A 450 1.30 22.45 20.25
N ILE A 451 0.03 22.72 19.95
CA ILE A 451 -0.34 23.42 18.73
C ILE A 451 -0.70 24.89 18.98
N ALA A 452 -1.59 25.18 19.94
CA ALA A 452 -2.14 26.53 20.04
C ALA A 452 -1.23 27.50 20.77
N VAL A 453 -0.44 27.01 21.72
CA VAL A 453 0.54 27.81 22.47
C VAL A 453 1.67 28.40 21.61
N PRO A 454 2.36 27.67 20.68
CA PRO A 454 3.37 28.37 19.86
C PRO A 454 2.81 29.35 18.85
N CYS A 455 1.54 29.25 18.49
CA CYS A 455 0.91 30.29 17.69
C CYS A 455 0.24 31.36 18.55
N ARG A 456 0.21 31.16 19.88
CA ARG A 456 -0.36 31.97 20.96
C ARG A 456 -1.71 32.62 20.64
N LEU A 457 -2.61 31.87 20.01
CA LEU A 457 -3.88 32.40 19.56
C LEU A 457 -5.09 31.89 20.34
N PHE A 458 -4.96 30.74 21.03
CA PHE A 458 -5.97 30.15 21.93
C PHE A 458 -7.29 29.85 21.21
N LYS A 459 -7.19 29.08 20.13
CA LYS A 459 -8.36 28.82 19.29
C LYS A 459 -9.30 27.78 19.93
N LEU A 460 -8.71 26.80 20.61
CA LEU A 460 -9.38 25.59 21.12
C LEU A 460 -10.14 24.85 20.02
N TRP A 461 -9.52 24.74 18.85
CA TRP A 461 -10.06 24.00 17.72
C TRP A 461 -9.50 22.59 17.63
N ALA A 462 -8.21 22.41 17.97
CA ALA A 462 -7.67 21.06 18.12
C ALA A 462 -8.14 20.43 19.42
N PHE A 463 -8.47 21.25 20.42
CA PHE A 463 -9.07 20.76 21.65
C PHE A 463 -10.48 20.23 21.40
N LEU A 464 -11.31 21.02 20.71
CA LEU A 464 -12.67 20.57 20.41
C LEU A 464 -12.68 19.54 19.29
N GLY A 465 -11.71 19.59 18.38
CA GLY A 465 -11.62 18.63 17.30
C GLY A 465 -11.20 17.25 17.74
N ILE A 466 -10.53 17.13 18.88
CA ILE A 466 -10.21 15.83 19.46
C ILE A 466 -11.12 15.49 20.64
N MET A 467 -11.84 16.48 21.19
CA MET A 467 -12.95 16.20 22.09
C MET A 467 -14.18 15.70 21.35
N PHE A 468 -14.27 15.99 20.05
CA PHE A 468 -15.29 15.37 19.21
C PHE A 468 -15.02 13.89 19.01
N GLN A 469 -13.75 13.48 19.07
CA GLN A 469 -13.37 12.09 18.84
C GLN A 469 -13.81 11.17 19.98
N VAL A 470 -13.94 11.70 21.19
CA VAL A 470 -14.24 10.91 22.39
C VAL A 470 -15.66 10.33 22.40
N PRO A 471 -16.68 11.03 21.87
CA PRO A 471 -17.96 10.39 21.65
C PRO A 471 -17.79 9.55 20.39
N LEU A 472 -16.87 9.93 19.49
CA LEU A 472 -16.72 9.21 18.19
C LEU A 472 -16.26 7.76 18.39
N VAL A 473 -15.36 7.51 19.33
CA VAL A 473 -14.85 6.13 19.57
C VAL A 473 -16.05 5.28 19.97
N PHE A 474 -16.90 5.81 20.85
CA PHE A 474 -18.12 5.07 21.28
C PHE A 474 -19.06 4.89 20.10
N ILE A 475 -19.22 5.94 19.29
CA ILE A 475 -20.17 5.88 18.14
C ILE A 475 -19.73 4.75 17.21
N THR A 476 -18.58 4.92 16.55
CA THR A 476 -18.16 3.93 15.58
C THR A 476 -18.01 2.54 16.18
N ASN A 477 -18.14 2.39 17.50
CA ASN A 477 -18.19 1.05 18.07
C ASN A 477 -19.61 0.51 18.05
N TYR A 478 -20.60 1.38 18.26
CA TYR A 478 -21.99 1.01 18.05
C TYR A 478 -22.29 0.82 16.57
N LEU A 479 -21.58 1.52 15.69
CA LEU A 479 -21.74 1.30 14.26
C LEU A 479 -21.05 0.02 13.81
N GLN A 480 -19.89 -0.31 14.39
CA GLN A 480 -19.18 -1.54 14.00
C GLN A 480 -19.83 -2.79 14.54
N GLU A 481 -20.61 -2.70 15.62
CA GLU A 481 -21.38 -3.85 16.08
C GLU A 481 -22.52 -4.11 15.11
N ARG A 482 -22.84 -5.40 14.95
CA ARG A 482 -23.76 -5.96 13.94
C ARG A 482 -23.36 -5.58 12.50
N PHE A 483 -22.06 -5.43 12.25
CA PHE A 483 -21.55 -4.91 10.98
C PHE A 483 -20.29 -5.69 10.62
N GLY A 484 -19.55 -5.18 9.64
CA GLY A 484 -18.33 -5.82 9.20
C GLY A 484 -17.09 -5.03 9.56
N SER A 485 -15.96 -5.72 9.67
CA SER A 485 -14.69 -5.06 9.93
C SER A 485 -14.20 -4.26 8.72
N THR A 486 -14.56 -4.71 7.51
CA THR A 486 -14.09 -4.06 6.28
C THR A 486 -14.75 -2.70 6.08
N VAL A 487 -16.07 -2.62 6.26
CA VAL A 487 -16.76 -1.35 6.13
C VAL A 487 -16.52 -0.49 7.37
N GLY A 488 -16.13 -1.10 8.49
CA GLY A 488 -15.62 -0.33 9.61
C GLY A 488 -14.29 0.33 9.31
N ASN A 489 -13.44 -0.35 8.53
CA ASN A 489 -12.18 0.27 8.12
C ASN A 489 -12.40 1.37 7.09
N MET A 490 -13.40 1.18 6.21
CA MET A 490 -13.84 2.24 5.28
C MET A 490 -14.29 3.49 6.03
N ILE A 491 -15.15 3.31 7.03
CA ILE A 491 -15.62 4.46 7.78
C ILE A 491 -14.56 5.00 8.74
N PHE A 492 -13.55 4.18 9.11
CA PHE A 492 -12.40 4.69 9.85
C PHE A 492 -11.59 5.65 9.00
N TRP A 493 -11.32 5.27 7.74
CA TRP A 493 -10.53 6.15 6.90
C TRP A 493 -11.32 7.38 6.47
N PHE A 494 -12.65 7.29 6.41
CA PHE A 494 -13.46 8.50 6.24
C PHE A 494 -13.41 9.41 7.47
N ILE A 495 -13.46 8.84 8.68
CA ILE A 495 -13.35 9.61 9.92
C ILE A 495 -11.98 10.25 10.04
N PHE A 496 -10.94 9.50 9.68
CA PHE A 496 -9.57 10.00 9.70
C PHE A 496 -9.31 11.01 8.60
N CYS A 497 -10.09 10.96 7.52
CA CYS A 497 -10.07 12.03 6.53
C CYS A 497 -10.64 13.32 7.11
N ILE A 498 -11.90 13.29 7.57
CA ILE A 498 -12.55 14.55 7.89
C ILE A 498 -12.24 15.01 9.31
N PHE A 499 -12.70 14.27 10.32
CA PHE A 499 -12.46 14.67 11.71
C PHE A 499 -11.27 13.92 12.30
N GLY A 500 -10.11 14.07 11.66
CA GLY A 500 -8.97 13.27 12.07
C GLY A 500 -7.72 14.04 12.43
N GLN A 501 -6.58 13.36 12.38
CA GLN A 501 -5.26 13.95 12.58
C GLN A 501 -4.72 14.81 11.43
N PRO A 502 -5.03 14.58 10.14
CA PRO A 502 -4.73 15.63 9.14
C PRO A 502 -5.51 16.93 9.30
N MET A 503 -6.62 16.96 10.06
CA MET A 503 -7.28 18.22 10.39
C MET A 503 -6.38 19.10 11.26
N CYS A 504 -5.58 18.49 12.13
CA CYS A 504 -4.63 19.24 12.95
C CYS A 504 -3.53 19.87 12.10
N VAL A 505 -3.09 19.17 11.04
CA VAL A 505 -2.11 19.74 10.13
C VAL A 505 -2.77 20.80 9.23
N LEU A 506 -4.07 20.64 8.94
CA LEU A 506 -4.79 21.64 8.14
C LEU A 506 -4.97 22.94 8.91
N LEU A 507 -5.34 22.85 10.19
CA LEU A 507 -5.42 24.04 11.03
C LEU A 507 -4.04 24.57 11.39
N TYR A 508 -3.02 23.69 11.38
CA TYR A 508 -1.64 24.11 11.64
C TYR A 508 -1.04 24.86 10.46
N TYR A 509 -1.54 24.63 9.25
CA TYR A 509 -1.15 25.40 8.06
C TYR A 509 -2.27 26.34 7.62
N HIS A 510 -3.02 26.88 8.57
CA HIS A 510 -4.07 27.85 8.28
C HIS A 510 -3.88 29.17 8.99
N ASP A 511 -2.81 29.32 9.77
CA ASP A 511 -2.57 30.54 10.52
C ASP A 511 -1.87 31.59 9.67
N HIS B 132 -2.59 -6.31 7.17
CA HIS B 132 -1.80 -5.39 6.37
C HIS B 132 -2.64 -4.80 5.25
N ALA B 133 -3.95 -5.07 5.29
CA ALA B 133 -4.84 -4.79 4.17
C ALA B 133 -5.39 -3.38 4.15
N GLY B 134 -5.13 -2.57 5.19
CA GLY B 134 -5.71 -1.24 5.24
C GLY B 134 -5.04 -0.23 4.34
N LEU B 135 -3.76 -0.43 4.03
CA LEU B 135 -3.07 0.50 3.15
C LEU B 135 -3.43 0.28 1.69
N PHE B 136 -3.73 -0.98 1.32
CA PHE B 136 -4.39 -1.23 0.05
C PHE B 136 -5.81 -0.66 0.05
N ASN B 137 -6.47 -0.72 1.21
CA ASN B 137 -7.84 -0.25 1.34
C ASN B 137 -7.96 1.26 1.26
N LEU B 138 -6.89 1.99 1.58
CA LEU B 138 -6.89 3.45 1.57
C LEU B 138 -6.94 4.02 0.16
N CYS B 139 -6.47 3.24 -0.83
CA CYS B 139 -6.39 3.70 -2.21
C CYS B 139 -7.75 3.86 -2.87
N VAL B 140 -8.80 3.24 -2.32
CA VAL B 140 -10.16 3.52 -2.78
C VAL B 140 -10.86 4.54 -1.90
N VAL B 141 -10.39 4.76 -0.67
CA VAL B 141 -10.89 5.87 0.15
C VAL B 141 -10.52 7.19 -0.49
N VAL B 142 -9.28 7.31 -0.97
CA VAL B 142 -8.85 8.55 -1.62
C VAL B 142 -9.45 8.73 -3.01
N LEU B 143 -10.00 7.66 -3.60
CA LEU B 143 -10.71 7.79 -4.86
C LEU B 143 -12.18 8.10 -4.68
N ILE B 144 -12.80 7.66 -3.59
CA ILE B 144 -14.11 8.22 -3.21
C ILE B 144 -13.95 9.67 -2.79
N ALA B 145 -12.84 10.00 -2.11
CA ALA B 145 -12.69 11.30 -1.47
C ALA B 145 -12.39 12.41 -2.48
N VAL B 146 -11.41 12.22 -3.34
CA VAL B 146 -11.19 13.16 -4.44
C VAL B 146 -12.27 12.92 -5.49
N ASN B 147 -12.81 14.03 -6.02
CA ASN B 147 -14.07 14.16 -6.78
C ASN B 147 -15.18 13.27 -6.21
N SER B 148 -15.51 13.54 -4.95
CA SER B 148 -16.67 12.92 -4.32
C SER B 148 -17.97 13.39 -4.93
N ARG B 149 -17.96 14.64 -5.43
CA ARG B 149 -19.15 15.28 -5.98
C ARG B 149 -19.64 14.56 -7.23
N LEU B 150 -18.73 14.25 -8.15
CA LEU B 150 -19.07 13.50 -9.35
C LEU B 150 -19.28 12.01 -9.09
N ILE B 151 -19.03 11.53 -7.88
CA ILE B 151 -19.55 10.24 -7.44
C ILE B 151 -20.98 10.37 -6.93
N ILE B 152 -21.31 11.42 -6.17
CA ILE B 152 -22.68 11.47 -5.64
C ILE B 152 -23.69 12.03 -6.63
N GLU B 153 -23.27 12.60 -7.77
CA GLU B 153 -24.25 12.82 -8.84
C GLU B 153 -24.39 11.55 -9.69
N ASN B 154 -25.15 10.60 -9.14
CA ASN B 154 -25.76 9.55 -9.93
C ASN B 154 -27.03 9.11 -9.22
N LEU B 155 -27.96 8.52 -9.98
CA LEU B 155 -29.26 8.18 -9.43
C LEU B 155 -29.17 6.90 -8.61
N MET B 156 -28.83 5.78 -9.25
CA MET B 156 -28.74 4.49 -8.57
C MET B 156 -27.81 3.58 -9.36
N LYS B 157 -26.69 3.20 -8.73
CA LYS B 157 -25.65 2.30 -9.26
C LYS B 157 -25.09 2.88 -10.58
N TYR B 158 -24.53 4.08 -10.43
CA TYR B 158 -24.03 4.95 -11.50
C TYR B 158 -25.10 5.20 -12.57
N GLY B 159 -26.15 5.91 -12.14
CA GLY B 159 -27.35 6.06 -12.96
C GLY B 159 -27.16 6.92 -14.20
N TRP B 160 -26.18 7.82 -14.19
CA TRP B 160 -25.87 8.61 -15.36
C TRP B 160 -24.79 7.97 -16.23
N LEU B 161 -24.05 6.98 -15.71
CA LEU B 161 -23.03 6.26 -16.48
C LEU B 161 -23.26 4.76 -16.27
N ILE B 162 -24.18 4.19 -17.04
CA ILE B 162 -24.53 2.78 -16.93
C ILE B 162 -24.56 2.18 -18.33
N ARG B 163 -23.90 1.02 -18.49
CA ARG B 163 -23.68 0.31 -19.77
C ARG B 163 -23.02 1.21 -20.80
N THR B 164 -22.06 2.03 -20.35
CA THR B 164 -21.31 2.94 -21.20
C THR B 164 -19.81 2.75 -21.07
N ASP B 165 -19.30 2.54 -19.87
CA ASP B 165 -17.90 2.16 -19.65
C ASP B 165 -17.83 0.77 -19.02
N PHE B 166 -16.87 -0.02 -19.50
CA PHE B 166 -16.84 -1.48 -19.40
C PHE B 166 -18.19 -2.06 -19.83
N TRP B 167 -18.58 -1.68 -21.04
CA TRP B 167 -19.95 -1.77 -21.48
C TRP B 167 -20.22 -3.04 -22.27
N PHE B 168 -21.44 -3.54 -22.10
CA PHE B 168 -21.98 -4.61 -22.92
C PHE B 168 -23.41 -4.15 -23.22
N SER B 169 -23.63 -3.71 -24.46
CA SER B 169 -24.92 -3.20 -24.86
C SER B 169 -25.91 -4.35 -25.03
N SER B 170 -27.19 -4.04 -24.80
CA SER B 170 -28.32 -4.96 -24.75
C SER B 170 -28.08 -6.07 -23.72
N ARG B 171 -28.08 -5.69 -22.45
CA ARG B 171 -27.89 -6.69 -21.37
C ARG B 171 -29.06 -7.68 -21.43
N SER B 172 -30.26 -7.20 -21.79
CA SER B 172 -31.42 -8.10 -21.97
C SER B 172 -31.14 -9.04 -23.15
N LEU B 173 -31.66 -10.27 -23.12
CA LEU B 173 -31.39 -11.26 -24.20
C LEU B 173 -29.92 -11.68 -24.12
N ARG B 174 -29.01 -10.70 -24.07
CA ARG B 174 -27.54 -10.98 -23.99
C ARG B 174 -27.14 -12.11 -24.95
N ASP B 175 -27.59 -12.05 -26.22
CA ASP B 175 -27.26 -13.08 -27.23
C ASP B 175 -26.54 -12.44 -28.42
N TRP B 176 -25.21 -12.48 -28.44
CA TRP B 176 -24.44 -11.93 -29.52
C TRP B 176 -23.84 -13.06 -30.35
N PRO B 177 -23.74 -12.90 -31.69
CA PRO B 177 -23.23 -14.01 -32.53
C PRO B 177 -21.74 -14.31 -32.38
N LEU B 178 -20.99 -13.49 -31.62
CA LEU B 178 -19.66 -13.88 -31.17
C LEU B 178 -19.69 -14.40 -29.74
N PHE B 179 -20.74 -14.10 -28.97
CA PHE B 179 -20.90 -14.66 -27.63
C PHE B 179 -21.34 -16.11 -27.68
N MET B 180 -22.22 -16.49 -28.62
CA MET B 180 -22.43 -17.90 -28.87
C MET B 180 -21.35 -18.51 -29.76
N CYS B 181 -20.43 -17.72 -30.29
CA CYS B 181 -19.22 -18.25 -30.90
C CYS B 181 -18.05 -18.26 -29.93
N CYS B 182 -18.27 -17.83 -28.68
CA CYS B 182 -17.32 -18.07 -27.61
C CYS B 182 -17.40 -19.51 -27.11
N ILE B 183 -18.51 -20.20 -27.36
CA ILE B 183 -18.59 -21.64 -27.11
C ILE B 183 -18.34 -22.45 -28.36
N SER B 184 -18.17 -21.80 -29.51
CA SER B 184 -17.78 -22.50 -30.74
C SER B 184 -16.29 -22.81 -30.79
N LEU B 185 -15.49 -22.25 -29.86
CA LEU B 185 -14.12 -22.70 -29.72
C LEU B 185 -13.98 -23.90 -28.78
N SER B 186 -15.09 -24.40 -28.25
CA SER B 186 -15.08 -25.56 -27.37
C SER B 186 -15.24 -26.88 -28.11
N ILE B 187 -15.49 -26.86 -29.42
CA ILE B 187 -15.56 -28.09 -30.17
C ILE B 187 -14.15 -28.59 -30.52
N PHE B 188 -13.15 -27.73 -30.46
CA PHE B 188 -11.75 -28.11 -30.67
C PHE B 188 -11.09 -28.82 -29.48
N PRO B 189 -11.40 -28.53 -28.19
CA PRO B 189 -11.04 -29.51 -27.15
C PRO B 189 -11.67 -30.88 -27.33
N LEU B 190 -12.90 -30.93 -27.84
CA LEU B 190 -13.51 -32.21 -28.19
C LEU B 190 -12.80 -32.85 -29.37
N ALA B 191 -12.28 -32.04 -30.30
CA ALA B 191 -11.48 -32.57 -31.41
C ALA B 191 -10.14 -33.12 -30.93
N ALA B 192 -9.54 -32.46 -29.93
CA ALA B 192 -8.33 -32.97 -29.29
C ALA B 192 -8.60 -34.27 -28.54
N PHE B 193 -9.77 -34.39 -27.92
CA PHE B 193 -10.15 -35.67 -27.30
C PHE B 193 -10.39 -36.75 -28.35
N THR B 194 -10.94 -36.41 -29.53
CA THR B 194 -11.12 -37.43 -30.57
C THR B 194 -9.78 -37.89 -31.15
N VAL B 195 -8.82 -36.97 -31.31
CA VAL B 195 -7.52 -37.41 -31.84
C VAL B 195 -6.70 -38.14 -30.76
N GLU B 196 -6.93 -37.81 -29.47
CA GLU B 196 -6.38 -38.58 -28.37
C GLU B 196 -7.00 -39.98 -28.31
N LYS B 197 -8.27 -40.09 -28.67
CA LYS B 197 -8.91 -41.41 -28.76
C LYS B 197 -8.44 -42.19 -29.97
N LEU B 198 -8.06 -41.50 -31.07
CA LEU B 198 -7.46 -42.20 -32.20
C LEU B 198 -6.08 -42.75 -31.84
N VAL B 199 -5.26 -41.98 -31.12
CA VAL B 199 -3.93 -42.49 -30.81
C VAL B 199 -3.97 -43.48 -29.64
N LEU B 200 -4.94 -43.37 -28.72
CA LEU B 200 -4.99 -44.29 -27.60
C LEU B 200 -5.74 -45.58 -27.92
N GLN B 201 -6.48 -45.63 -29.03
CA GLN B 201 -7.04 -46.88 -29.53
C GLN B 201 -6.31 -47.36 -30.77
N LYS B 202 -5.13 -46.78 -31.04
CA LYS B 202 -4.15 -47.24 -32.06
C LYS B 202 -4.73 -47.15 -33.48
N TYR B 203 -5.55 -46.12 -33.72
CA TYR B 203 -6.11 -45.92 -35.06
C TYR B 203 -5.05 -45.45 -36.04
N ILE B 204 -4.09 -44.66 -35.56
CA ILE B 204 -3.03 -44.12 -36.41
C ILE B 204 -1.81 -43.88 -35.54
N SER B 205 -0.65 -43.69 -36.17
CA SER B 205 0.62 -43.54 -35.42
C SER B 205 0.71 -42.20 -34.68
N GLU B 206 1.68 -42.07 -33.79
CA GLU B 206 1.85 -40.83 -32.98
C GLU B 206 2.16 -39.59 -33.85
N PRO B 207 3.04 -39.65 -34.88
CA PRO B 207 3.37 -38.45 -35.63
C PRO B 207 2.14 -37.84 -36.27
N VAL B 208 1.26 -38.69 -36.81
CA VAL B 208 0.04 -38.17 -37.52
C VAL B 208 -0.81 -37.38 -36.51
N VAL B 209 -0.97 -37.90 -35.30
CA VAL B 209 -1.79 -37.21 -34.25
C VAL B 209 -1.10 -35.87 -33.90
N ILE B 210 0.24 -35.85 -33.86
CA ILE B 210 0.98 -34.61 -33.54
C ILE B 210 0.64 -33.57 -34.63
N PHE B 211 0.60 -34.00 -35.90
CA PHE B 211 0.25 -33.08 -37.01
C PHE B 211 -1.18 -32.59 -36.79
N LEU B 212 -2.06 -33.49 -36.36
CA LEU B 212 -3.48 -33.12 -36.10
C LEU B 212 -3.52 -32.07 -34.97
N HIS B 213 -2.70 -32.25 -33.94
CA HIS B 213 -2.65 -31.25 -32.83
C HIS B 213 -2.18 -29.91 -33.41
N ILE B 214 -1.18 -29.96 -34.30
CA ILE B 214 -0.62 -28.70 -34.90
C ILE B 214 -1.73 -27.99 -35.70
N ILE B 215 -2.52 -28.75 -36.46
CA ILE B 215 -3.56 -28.11 -37.32
C ILE B 215 -4.73 -27.66 -36.42
N ILE B 216 -5.09 -28.48 -35.43
CA ILE B 216 -6.14 -28.05 -34.50
C ILE B 216 -5.78 -26.74 -33.78
N THR B 217 -4.54 -26.61 -33.28
CA THR B 217 -4.20 -25.32 -32.66
C THR B 217 -3.84 -24.21 -33.64
N MET B 218 -3.72 -24.49 -34.95
CA MET B 218 -3.63 -23.40 -35.91
C MET B 218 -4.98 -22.98 -36.45
N THR B 219 -5.97 -23.88 -36.47
CA THR B 219 -7.36 -23.50 -36.64
C THR B 219 -7.85 -22.67 -35.45
N GLU B 220 -7.32 -22.94 -34.25
CA GLU B 220 -7.51 -22.08 -33.08
C GLU B 220 -6.97 -20.66 -33.29
N VAL B 221 -5.98 -20.47 -34.16
CA VAL B 221 -5.57 -19.12 -34.54
C VAL B 221 -6.48 -18.57 -35.63
N LEU B 222 -6.70 -19.35 -36.69
CA LEU B 222 -7.26 -18.81 -37.93
C LEU B 222 -8.78 -18.65 -37.91
N TYR B 223 -9.51 -19.45 -37.12
CA TYR B 223 -10.97 -19.37 -37.11
C TYR B 223 -11.56 -18.23 -36.27
N PRO B 224 -11.14 -17.93 -35.02
CA PRO B 224 -11.77 -16.79 -34.33
C PRO B 224 -11.34 -15.43 -34.85
N VAL B 225 -10.24 -15.31 -35.58
CA VAL B 225 -9.98 -14.04 -36.25
C VAL B 225 -10.93 -13.87 -37.44
N TYR B 226 -11.33 -14.96 -38.08
CA TYR B 226 -12.37 -14.89 -39.10
C TYR B 226 -13.74 -14.63 -38.48
N VAL B 227 -13.93 -15.07 -37.25
CA VAL B 227 -15.16 -14.75 -36.51
C VAL B 227 -15.19 -13.28 -36.13
N THR B 228 -14.04 -12.71 -35.73
CA THR B 228 -14.03 -11.31 -35.32
C THR B 228 -13.87 -10.33 -36.49
N LEU B 229 -13.53 -10.78 -37.70
CA LEU B 229 -13.54 -9.88 -38.85
C LEU B 229 -14.86 -9.96 -39.61
N ARG B 230 -15.20 -11.13 -40.12
CA ARG B 230 -16.45 -11.33 -40.83
C ARG B 230 -17.57 -11.60 -39.84
N CYS B 231 -18.74 -11.00 -40.10
CA CYS B 231 -19.86 -10.84 -39.15
C CYS B 231 -19.37 -10.23 -37.84
N ASP B 232 -18.91 -8.99 -37.97
CA ASP B 232 -18.19 -8.27 -36.93
C ASP B 232 -19.12 -7.86 -35.78
N SER B 233 -18.51 -7.43 -34.70
CA SER B 233 -19.23 -7.02 -33.50
C SER B 233 -18.41 -5.92 -32.83
N ALA B 234 -18.68 -5.68 -31.55
CA ALA B 234 -18.05 -4.61 -30.79
C ALA B 234 -16.58 -4.94 -30.51
N PHE B 235 -15.83 -3.91 -30.13
CA PHE B 235 -14.39 -4.05 -29.90
C PHE B 235 -14.09 -4.79 -28.60
N LEU B 236 -14.88 -4.56 -27.55
CA LEU B 236 -14.62 -5.20 -26.27
C LEU B 236 -15.00 -6.68 -26.28
N SER B 237 -16.06 -7.02 -27.04
CA SER B 237 -16.41 -8.42 -27.24
C SER B 237 -15.35 -9.14 -28.06
N GLY B 238 -14.77 -8.45 -29.04
CA GLY B 238 -13.64 -8.99 -29.76
C GLY B 238 -12.39 -9.14 -28.92
N VAL B 239 -12.18 -8.23 -27.97
CA VAL B 239 -11.01 -8.30 -27.08
C VAL B 239 -11.15 -9.47 -26.11
N THR B 240 -12.34 -9.66 -25.52
CA THR B 240 -12.50 -10.81 -24.64
C THR B 240 -12.60 -12.12 -25.40
N LEU B 241 -13.03 -12.10 -26.67
CA LEU B 241 -12.98 -13.31 -27.49
C LEU B 241 -11.54 -13.67 -27.86
N MET B 242 -10.70 -12.67 -28.13
CA MET B 242 -9.30 -12.94 -28.40
C MET B 242 -8.54 -13.36 -27.14
N LEU B 243 -8.94 -12.84 -25.98
CA LEU B 243 -8.33 -13.27 -24.72
C LEU B 243 -8.71 -14.71 -24.38
N LEU B 244 -9.98 -15.08 -24.61
CA LEU B 244 -10.40 -16.47 -24.44
C LEU B 244 -9.78 -17.38 -25.48
N THR B 245 -9.54 -16.87 -26.70
CA THR B 245 -8.82 -17.60 -27.74
C THR B 245 -7.38 -17.88 -27.33
N CYS B 246 -6.71 -16.87 -26.76
CA CYS B 246 -5.33 -17.02 -26.30
C CYS B 246 -5.23 -18.01 -25.14
N ILE B 247 -6.14 -17.91 -24.16
CA ILE B 247 -6.16 -18.79 -23.00
C ILE B 247 -6.48 -20.23 -23.39
N VAL B 248 -7.43 -20.41 -24.31
CA VAL B 248 -7.78 -21.72 -24.83
C VAL B 248 -6.65 -22.32 -25.69
N TRP B 249 -5.89 -21.47 -26.39
CA TRP B 249 -4.73 -21.95 -27.14
C TRP B 249 -3.61 -22.45 -26.22
N LEU B 250 -3.34 -21.71 -25.12
CA LEU B 250 -2.35 -22.18 -24.14
C LEU B 250 -2.81 -23.46 -23.46
N LYS B 251 -4.09 -23.50 -23.14
CA LYS B 251 -4.64 -24.68 -22.44
C LYS B 251 -4.55 -25.86 -23.40
N LEU B 252 -4.69 -25.62 -24.70
CA LEU B 252 -4.70 -26.75 -25.66
C LEU B 252 -3.26 -27.24 -25.85
N VAL B 253 -2.30 -26.34 -26.05
CA VAL B 253 -0.91 -26.72 -26.25
C VAL B 253 -0.33 -27.38 -24.99
N SER B 254 -0.77 -26.94 -23.80
CA SER B 254 -0.36 -27.58 -22.56
C SER B 254 -0.99 -28.97 -22.42
N TYR B 255 -2.24 -29.13 -22.89
CA TYR B 255 -2.87 -30.44 -22.90
C TYR B 255 -2.18 -31.40 -23.85
N ALA B 256 -1.77 -30.90 -25.03
CA ALA B 256 -1.06 -31.70 -26.01
C ALA B 256 0.32 -32.12 -25.52
N HIS B 257 1.05 -31.19 -24.89
CA HIS B 257 2.38 -31.50 -24.38
C HIS B 257 2.34 -32.44 -23.18
N THR B 258 1.36 -32.26 -22.28
CA THR B 258 1.24 -33.17 -21.15
C THR B 258 0.74 -34.55 -21.56
N SER B 259 -0.14 -34.62 -22.57
CA SER B 259 -0.59 -35.92 -23.06
C SER B 259 0.52 -36.65 -23.81
N TYR B 260 1.35 -35.90 -24.56
CA TYR B 260 2.52 -36.50 -25.20
C TYR B 260 3.56 -36.96 -24.19
N ASP B 261 3.72 -36.22 -23.09
CA ASP B 261 4.67 -36.61 -22.05
C ASP B 261 4.21 -37.85 -21.29
N ILE B 262 2.92 -37.93 -20.94
CA ILE B 262 2.45 -39.14 -20.28
C ILE B 262 2.31 -40.32 -21.25
N ARG B 263 2.17 -40.07 -22.55
CA ARG B 263 2.18 -41.17 -23.51
C ARG B 263 3.60 -41.70 -23.72
N SER B 264 4.59 -40.80 -23.70
CA SER B 264 5.98 -41.26 -23.79
C SER B 264 6.45 -41.92 -22.50
N LEU B 265 5.88 -41.51 -21.36
CA LEU B 265 6.19 -42.19 -20.12
C LEU B 265 5.52 -43.56 -20.03
N ALA B 266 4.30 -43.67 -20.57
CA ALA B 266 3.56 -44.92 -20.47
C ALA B 266 3.98 -45.94 -21.53
N ASN B 267 4.69 -45.54 -22.57
CA ASN B 267 5.09 -46.46 -23.63
C ASN B 267 6.47 -47.07 -23.40
N ALA B 268 7.12 -46.76 -22.28
CA ALA B 268 8.41 -47.38 -21.98
C ALA B 268 8.23 -48.84 -21.57
N ALA B 269 7.15 -49.14 -20.85
CA ALA B 269 6.81 -50.49 -20.44
C ALA B 269 5.46 -50.87 -21.02
N ASP B 270 4.96 -52.04 -20.62
CA ASP B 270 3.66 -52.55 -21.07
C ASP B 270 2.60 -52.42 -19.99
N LYS B 271 2.65 -51.34 -19.21
CA LYS B 271 1.64 -51.12 -18.17
C LYS B 271 0.30 -50.71 -18.77
N ALA B 272 0.33 -49.82 -19.77
CA ALA B 272 -0.80 -49.22 -20.52
C ALA B 272 -1.71 -48.52 -19.51
N ASN B 273 -3.04 -48.58 -19.69
CA ASN B 273 -3.97 -47.91 -18.77
C ASN B 273 -5.27 -48.69 -18.75
N PRO B 274 -5.40 -49.65 -17.85
CA PRO B 274 -6.73 -50.24 -17.60
C PRO B 274 -7.61 -49.26 -16.83
N GLU B 275 -8.92 -49.42 -17.03
CA GLU B 275 -9.99 -48.54 -16.51
C GLU B 275 -9.77 -47.09 -16.94
N VAL B 276 -9.91 -46.89 -18.26
CA VAL B 276 -9.57 -45.63 -18.91
C VAL B 276 -10.52 -44.52 -18.47
N SER B 277 -11.82 -44.84 -18.33
CA SER B 277 -12.89 -43.99 -17.79
C SER B 277 -13.05 -42.70 -18.59
N TYR B 278 -13.52 -42.88 -19.83
CA TYR B 278 -13.55 -41.80 -20.82
C TYR B 278 -14.58 -40.72 -20.49
N TYR B 279 -15.61 -41.03 -19.69
CA TYR B 279 -16.43 -39.97 -19.11
C TYR B 279 -15.60 -39.14 -18.13
N VAL B 280 -14.80 -39.79 -17.29
CA VAL B 280 -14.02 -39.07 -16.30
C VAL B 280 -12.84 -38.36 -16.95
N SER B 281 -12.33 -38.91 -18.06
CA SER B 281 -11.32 -38.19 -18.83
C SER B 281 -11.91 -36.99 -19.56
N LEU B 282 -13.15 -37.12 -20.07
CA LEU B 282 -13.87 -36.00 -20.66
C LEU B 282 -14.16 -34.91 -19.63
N LYS B 283 -14.57 -35.31 -18.42
CA LYS B 283 -14.82 -34.37 -17.34
C LYS B 283 -13.53 -33.74 -16.84
N SER B 284 -12.42 -34.48 -16.87
CA SER B 284 -11.12 -33.93 -16.45
C SER B 284 -10.62 -32.91 -17.46
N LEU B 285 -10.81 -33.17 -18.76
CA LEU B 285 -10.40 -32.20 -19.79
C LEU B 285 -11.28 -30.96 -19.75
N ALA B 286 -12.61 -31.13 -19.56
CA ALA B 286 -13.50 -29.98 -19.49
C ALA B 286 -13.29 -29.18 -18.20
N TYR B 287 -13.01 -29.87 -17.09
CA TYR B 287 -12.71 -29.21 -15.82
C TYR B 287 -11.39 -28.47 -15.89
N PHE B 288 -10.41 -29.01 -16.64
CA PHE B 288 -9.19 -28.27 -16.93
C PHE B 288 -9.46 -27.06 -17.82
N MET B 289 -10.46 -27.16 -18.70
CA MET B 289 -10.75 -26.03 -19.59
C MET B 289 -11.44 -24.89 -18.88
N VAL B 290 -12.23 -25.17 -17.83
CA VAL B 290 -12.81 -24.07 -17.05
C VAL B 290 -11.85 -23.63 -15.93
N ALA B 291 -10.81 -24.42 -15.63
CA ALA B 291 -9.89 -24.12 -14.54
C ALA B 291 -9.01 -22.90 -14.83
N PRO B 292 -8.66 -22.12 -13.79
CA PRO B 292 -7.73 -20.99 -13.96
C PRO B 292 -6.26 -21.38 -13.87
N THR B 293 -5.86 -22.41 -14.59
CA THR B 293 -4.46 -22.79 -14.71
C THR B 293 -4.24 -23.34 -16.11
N LEU B 294 -2.97 -23.35 -16.52
CA LEU B 294 -2.58 -23.75 -17.86
C LEU B 294 -1.62 -24.92 -17.82
N CYS B 295 -1.90 -25.91 -16.98
CA CYS B 295 -1.08 -27.11 -16.89
C CYS B 295 -1.99 -28.27 -16.56
N TYR B 296 -2.21 -29.14 -17.53
CA TYR B 296 -3.20 -30.22 -17.41
C TYR B 296 -2.59 -31.41 -16.69
N GLN B 297 -3.25 -31.83 -15.61
CA GLN B 297 -3.02 -33.13 -14.99
C GLN B 297 -4.37 -33.78 -14.76
N PRO B 298 -4.48 -35.11 -14.89
CA PRO B 298 -5.77 -35.77 -14.64
C PRO B 298 -6.18 -35.79 -13.18
N SER B 299 -5.23 -35.69 -12.25
CA SER B 299 -5.52 -35.60 -10.82
C SER B 299 -5.14 -34.21 -10.34
N TYR B 300 -6.08 -33.53 -9.69
CA TYR B 300 -5.91 -32.17 -9.25
C TYR B 300 -6.18 -32.05 -7.75
N PRO B 301 -5.51 -31.12 -7.07
CA PRO B 301 -5.87 -30.84 -5.68
C PRO B 301 -7.21 -30.12 -5.59
N ARG B 302 -7.98 -30.46 -4.57
CA ARG B 302 -9.34 -29.95 -4.41
C ARG B 302 -9.46 -29.17 -3.11
N SER B 303 -10.64 -28.60 -2.89
CA SER B 303 -10.93 -27.83 -1.69
C SER B 303 -12.42 -27.99 -1.37
N ALA B 304 -12.95 -27.11 -0.53
CA ALA B 304 -14.35 -27.14 -0.11
C ALA B 304 -15.10 -25.95 -0.69
N CYS B 305 -16.37 -26.17 -1.03
CA CYS B 305 -17.24 -25.15 -1.59
C CYS B 305 -18.42 -24.86 -0.66
N ILE B 306 -18.15 -24.80 0.65
CA ILE B 306 -19.21 -24.57 1.64
C ILE B 306 -19.38 -23.09 1.96
N ARG B 307 -18.45 -22.23 1.53
CA ARG B 307 -18.47 -20.81 1.89
C ARG B 307 -19.01 -20.02 0.71
N LYS B 308 -20.35 -19.98 0.63
CA LYS B 308 -21.04 -19.34 -0.49
C LYS B 308 -21.23 -17.84 -0.28
N GLY B 309 -21.34 -17.40 0.98
CA GLY B 309 -21.42 -15.97 1.26
C GLY B 309 -20.13 -15.25 0.95
N TRP B 310 -18.99 -15.93 1.11
CA TRP B 310 -17.69 -15.42 0.68
C TRP B 310 -17.64 -15.25 -0.84
N VAL B 311 -18.13 -16.26 -1.57
CA VAL B 311 -18.13 -16.20 -3.06
C VAL B 311 -18.90 -14.93 -3.47
N ALA B 312 -20.09 -14.73 -2.90
CA ALA B 312 -20.91 -13.55 -3.26
C ALA B 312 -20.17 -12.27 -2.88
N ARG B 313 -19.50 -12.27 -1.73
CA ARG B 313 -18.80 -11.04 -1.26
C ARG B 313 -17.70 -10.68 -2.26
N GLN B 314 -16.94 -11.68 -2.72
CA GLN B 314 -15.86 -11.42 -3.71
C GLN B 314 -16.50 -10.92 -5.02
N PHE B 315 -17.63 -11.52 -5.42
CA PHE B 315 -18.33 -11.10 -6.66
C PHE B 315 -18.80 -9.65 -6.50
N ALA B 316 -19.34 -9.33 -5.31
CA ALA B 316 -19.80 -7.94 -5.06
C ALA B 316 -18.60 -6.99 -5.11
N LYS B 317 -17.47 -7.42 -4.54
CA LYS B 317 -16.24 -6.58 -4.58
C LYS B 317 -15.83 -6.40 -6.04
N LEU B 318 -15.92 -7.46 -6.84
CA LEU B 318 -15.54 -7.39 -8.27
C LEU B 318 -16.47 -6.39 -9.00
N VAL B 319 -17.78 -6.47 -8.77
CA VAL B 319 -18.73 -5.60 -9.51
C VAL B 319 -18.48 -4.13 -9.12
N ILE B 320 -18.28 -3.84 -7.84
CA ILE B 320 -18.10 -2.42 -7.40
C ILE B 320 -16.79 -1.89 -8.01
N PHE B 321 -15.74 -2.71 -8.02
CA PHE B 321 -14.45 -2.30 -8.65
C PHE B 321 -14.67 -2.08 -10.14
N THR B 322 -15.46 -2.94 -10.78
CA THR B 322 -15.78 -2.74 -12.21
C THR B 322 -16.43 -1.38 -12.37
N GLY B 323 -17.41 -1.05 -11.53
CA GLY B 323 -18.00 0.28 -11.57
C GLY B 323 -17.00 1.38 -11.25
N PHE B 324 -16.08 1.10 -10.32
CA PHE B 324 -14.98 2.02 -10.01
C PHE B 324 -14.03 2.16 -11.19
N MET B 325 -13.82 1.06 -11.93
CA MET B 325 -13.00 1.06 -13.12
C MET B 325 -13.60 1.95 -14.21
N GLY B 326 -14.91 1.81 -14.43
CA GLY B 326 -15.59 2.66 -15.40
C GLY B 326 -15.63 4.12 -15.00
N PHE B 327 -15.76 4.38 -13.69
CA PHE B 327 -15.73 5.75 -13.16
C PHE B 327 -14.34 6.37 -13.33
N ILE B 328 -13.28 5.63 -13.02
CA ILE B 328 -11.95 6.21 -13.10
C ILE B 328 -11.46 6.25 -14.55
N ILE B 329 -12.05 5.48 -15.46
CA ILE B 329 -11.70 5.60 -16.87
C ILE B 329 -12.40 6.81 -17.48
N GLU B 330 -13.68 7.02 -17.13
CA GLU B 330 -14.42 8.15 -17.70
C GLU B 330 -13.99 9.48 -17.07
N GLN B 331 -13.57 9.49 -15.81
CA GLN B 331 -13.20 10.76 -15.19
C GLN B 331 -11.75 11.17 -15.42
N TYR B 332 -10.84 10.23 -15.59
CA TYR B 332 -9.42 10.56 -15.65
C TYR B 332 -8.80 10.38 -17.03
N ILE B 333 -8.92 9.20 -17.63
CA ILE B 333 -8.22 8.91 -18.87
C ILE B 333 -8.92 9.51 -20.08
N ASN B 334 -10.25 9.42 -20.14
CA ASN B 334 -11.03 9.92 -21.27
C ASN B 334 -10.96 11.45 -21.51
N PRO B 335 -10.95 12.35 -20.50
CA PRO B 335 -10.65 13.74 -20.84
C PRO B 335 -9.17 14.00 -21.14
N ILE B 336 -8.26 13.11 -20.75
CA ILE B 336 -6.83 13.40 -20.91
C ILE B 336 -6.24 12.79 -22.19
N VAL B 337 -6.94 11.88 -22.85
CA VAL B 337 -6.47 11.30 -24.10
C VAL B 337 -7.13 12.06 -25.25
N ARG B 338 -8.39 12.49 -25.06
CA ARG B 338 -9.17 13.17 -26.09
C ARG B 338 -8.67 14.60 -26.28
N ASN B 339 -7.54 14.72 -26.96
CA ASN B 339 -6.90 15.98 -27.31
C ASN B 339 -5.98 15.72 -28.50
N SER B 340 -5.08 16.66 -28.78
CA SER B 340 -4.09 16.47 -29.83
C SER B 340 -2.92 15.66 -29.29
N LYS B 341 -2.50 14.64 -30.05
CA LYS B 341 -1.41 13.77 -29.66
C LYS B 341 -0.46 13.57 -30.83
N HIS B 342 0.79 13.26 -30.52
CA HIS B 342 1.85 13.08 -31.50
C HIS B 342 2.59 11.78 -31.21
N PRO B 343 3.15 11.14 -32.24
CA PRO B 343 4.02 9.98 -31.99
C PRO B 343 5.35 10.40 -31.41
N LEU B 344 5.80 9.65 -30.40
CA LEU B 344 7.05 9.95 -29.72
C LEU B 344 8.25 9.52 -30.57
N LYS B 345 9.38 10.18 -30.32
CA LYS B 345 10.59 9.91 -31.09
C LYS B 345 11.76 9.61 -30.17
N GLY B 346 12.98 9.56 -30.74
CA GLY B 346 14.16 9.35 -29.93
C GLY B 346 14.49 10.52 -29.03
N ASP B 347 14.31 11.74 -29.54
CA ASP B 347 14.52 12.96 -28.77
C ASP B 347 13.20 13.42 -28.18
N LEU B 348 13.18 13.68 -26.87
CA LEU B 348 11.96 14.07 -26.16
C LEU B 348 12.30 15.27 -25.28
N LEU B 349 12.06 16.47 -25.80
CA LEU B 349 12.22 17.71 -25.07
C LEU B 349 10.85 18.31 -24.79
N TYR B 350 10.59 18.62 -23.51
CA TYR B 350 9.33 19.17 -22.99
C TYR B 350 8.12 18.29 -23.31
N ALA B 351 8.33 16.97 -23.34
CA ALA B 351 7.25 16.02 -23.62
C ALA B 351 7.31 14.80 -22.70
N ILE B 352 8.25 14.76 -21.76
CA ILE B 352 8.39 13.62 -20.85
C ILE B 352 7.52 13.73 -19.62
N GLU B 353 6.76 14.82 -19.48
CA GLU B 353 5.82 14.96 -18.38
C GLU B 353 4.46 14.36 -18.70
N ARG B 354 4.15 14.17 -19.99
CA ARG B 354 2.89 13.57 -20.38
C ARG B 354 2.89 12.07 -20.14
N VAL B 355 4.02 11.40 -20.37
CA VAL B 355 4.08 9.94 -20.29
C VAL B 355 4.07 9.40 -18.87
N LEU B 356 4.02 10.26 -17.85
CA LEU B 356 3.75 9.87 -16.48
C LEU B 356 2.42 10.42 -15.95
N LYS B 357 2.02 11.62 -16.39
CA LYS B 357 0.77 12.21 -15.91
C LYS B 357 -0.45 11.53 -16.53
N LEU B 358 -0.37 11.16 -17.81
CA LEU B 358 -1.39 10.30 -18.40
C LEU B 358 -1.15 8.81 -18.15
N SER B 359 -0.17 8.44 -17.31
CA SER B 359 0.05 7.04 -16.98
C SER B 359 -0.25 6.68 -15.54
N VAL B 360 -0.23 7.66 -14.61
CA VAL B 360 -0.56 7.37 -13.21
C VAL B 360 -2.02 6.95 -12.99
N PRO B 361 -3.05 7.60 -13.57
CA PRO B 361 -4.38 6.95 -13.56
C PRO B 361 -4.43 5.65 -14.35
N ASN B 362 -3.60 5.51 -15.38
CA ASN B 362 -3.48 4.22 -16.05
C ASN B 362 -2.76 3.20 -15.20
N LEU B 363 -1.85 3.64 -14.34
CA LEU B 363 -1.23 2.76 -13.36
C LEU B 363 -2.25 2.25 -12.35
N TYR B 364 -3.16 3.13 -11.90
CA TYR B 364 -4.20 2.65 -11.00
C TYR B 364 -5.23 1.78 -11.71
N VAL B 365 -5.47 2.03 -13.00
CA VAL B 365 -6.36 1.18 -13.80
C VAL B 365 -5.76 -0.21 -13.97
N TRP B 366 -4.44 -0.32 -14.22
CA TRP B 366 -3.83 -1.63 -14.32
C TRP B 366 -3.71 -2.33 -12.97
N LEU B 367 -3.52 -1.58 -11.88
CA LEU B 367 -3.54 -2.17 -10.53
C LEU B 367 -4.93 -2.73 -10.19
N CYS B 368 -5.98 -1.98 -10.53
CA CYS B 368 -7.33 -2.48 -10.28
C CYS B 368 -7.73 -3.59 -11.25
N MET B 369 -7.15 -3.59 -12.46
CA MET B 369 -7.35 -4.68 -13.41
C MET B 369 -6.71 -5.96 -12.90
N PHE B 370 -5.51 -5.85 -12.32
CA PHE B 370 -4.83 -6.98 -11.70
C PHE B 370 -5.60 -7.49 -10.49
N TYR B 371 -6.17 -6.58 -9.69
CA TYR B 371 -6.93 -7.00 -8.53
C TYR B 371 -8.26 -7.63 -8.93
N CYS B 372 -8.88 -7.15 -10.01
CA CYS B 372 -10.14 -7.71 -10.47
C CYS B 372 -9.96 -9.05 -11.15
N PHE B 373 -8.90 -9.24 -11.93
CA PHE B 373 -8.72 -10.50 -12.63
C PHE B 373 -8.04 -11.53 -11.75
N PHE B 374 -6.85 -11.23 -11.24
CA PHE B 374 -6.04 -12.27 -10.62
C PHE B 374 -6.36 -12.51 -9.16
N HIS B 375 -6.84 -11.50 -8.44
CA HIS B 375 -7.19 -11.71 -7.04
C HIS B 375 -8.67 -12.02 -6.84
N LEU B 376 -9.54 -11.58 -7.73
CA LEU B 376 -10.98 -11.74 -7.52
C LEU B 376 -11.62 -12.76 -8.44
N TRP B 377 -11.47 -12.60 -9.76
CA TRP B 377 -12.17 -13.48 -10.70
C TRP B 377 -11.53 -14.86 -10.77
N LEU B 378 -10.19 -14.91 -10.70
CA LEU B 378 -9.53 -16.20 -10.71
C LEU B 378 -9.69 -16.92 -9.38
N ASN B 379 -9.83 -16.19 -8.27
CA ASN B 379 -10.11 -16.84 -6.99
C ASN B 379 -11.54 -17.34 -6.93
N ILE B 380 -12.49 -16.62 -7.53
CA ILE B 380 -13.88 -17.07 -7.63
C ILE B 380 -13.96 -18.32 -8.51
N LEU B 381 -13.27 -18.31 -9.65
CA LEU B 381 -13.28 -19.48 -10.53
C LEU B 381 -12.46 -20.64 -9.96
N ALA B 382 -11.53 -20.36 -9.05
CA ALA B 382 -10.91 -21.43 -8.28
C ALA B 382 -11.88 -22.02 -7.28
N GLU B 383 -12.69 -21.17 -6.64
CA GLU B 383 -13.56 -21.62 -5.57
C GLU B 383 -14.79 -22.38 -6.07
N LEU B 384 -15.36 -21.96 -7.20
CA LEU B 384 -16.54 -22.64 -7.73
C LEU B 384 -16.20 -24.00 -8.31
N LEU B 385 -14.97 -24.17 -8.80
CA LEU B 385 -14.50 -25.44 -9.31
C LEU B 385 -13.75 -26.25 -8.26
N CYS B 386 -13.63 -25.71 -7.04
CA CYS B 386 -12.94 -26.30 -5.88
C CYS B 386 -11.48 -26.61 -6.21
N PHE B 387 -10.72 -25.56 -6.45
CA PHE B 387 -9.31 -25.68 -6.79
C PHE B 387 -8.44 -25.75 -5.54
N GLY B 388 -7.32 -26.45 -5.67
CA GLY B 388 -6.43 -26.68 -4.55
C GLY B 388 -5.41 -25.60 -4.26
N ASP B 389 -5.28 -24.59 -5.13
CA ASP B 389 -4.30 -23.54 -4.91
C ASP B 389 -4.77 -22.24 -5.53
N ARG B 390 -4.98 -21.22 -4.69
CA ARG B 390 -5.21 -19.86 -5.15
C ARG B 390 -3.86 -19.15 -5.17
N GLU B 391 -3.07 -19.47 -6.18
CA GLU B 391 -1.65 -19.21 -6.22
C GLU B 391 -1.20 -18.28 -7.36
N PHE B 392 -2.16 -17.69 -8.09
CA PHE B 392 -1.90 -17.05 -9.39
C PHE B 392 -1.03 -15.81 -9.27
N TYR B 393 -1.51 -14.80 -8.54
CA TYR B 393 -0.69 -13.63 -8.26
C TYR B 393 0.34 -13.97 -7.20
N LYS B 394 1.56 -13.45 -7.38
CA LYS B 394 2.65 -13.76 -6.44
C LYS B 394 3.67 -12.63 -6.47
N ASP B 395 3.52 -11.66 -5.55
CA ASP B 395 4.61 -10.77 -5.07
C ASP B 395 5.19 -9.89 -6.19
N TRP B 396 4.34 -9.43 -7.11
CA TRP B 396 4.85 -8.69 -8.27
C TRP B 396 5.20 -7.24 -7.95
N TRP B 397 4.79 -6.73 -6.79
CA TRP B 397 5.05 -5.34 -6.45
C TRP B 397 6.49 -5.11 -6.01
N ASN B 398 7.14 -6.10 -5.41
CA ASN B 398 8.56 -5.99 -5.04
C ASN B 398 9.47 -6.49 -6.16
N ALA B 399 9.29 -5.98 -7.37
CA ALA B 399 10.13 -6.38 -8.47
C ALA B 399 11.36 -5.47 -8.50
N LYS B 400 12.53 -6.07 -8.29
CA LYS B 400 13.77 -5.31 -8.36
C LYS B 400 14.16 -5.00 -9.80
N SER B 401 13.64 -5.77 -10.76
CA SER B 401 13.87 -5.54 -12.18
C SER B 401 12.77 -6.22 -12.95
N VAL B 402 12.59 -5.81 -14.20
CA VAL B 402 11.79 -6.61 -15.12
C VAL B 402 12.65 -7.77 -15.59
N GLY B 403 12.01 -8.84 -16.01
CA GLY B 403 12.71 -10.11 -16.14
C GLY B 403 12.56 -10.90 -14.87
N ASP B 404 12.94 -10.30 -13.73
CA ASP B 404 12.41 -10.75 -12.46
C ASP B 404 10.90 -10.56 -12.39
N TYR B 405 10.38 -9.44 -12.91
CA TYR B 405 8.95 -9.14 -12.84
C TYR B 405 8.12 -10.07 -13.72
N TRP B 406 8.64 -10.42 -14.90
CA TRP B 406 7.87 -11.24 -15.83
C TRP B 406 7.83 -12.70 -15.41
N ARG B 407 8.77 -13.14 -14.57
CA ARG B 407 8.72 -14.46 -13.98
C ARG B 407 7.89 -14.50 -12.70
N MET B 408 7.33 -13.36 -12.30
CA MET B 408 6.74 -13.16 -10.99
C MET B 408 5.27 -12.77 -11.04
N TRP B 409 4.83 -12.09 -12.10
CA TRP B 409 3.58 -11.34 -12.06
C TRP B 409 2.34 -12.22 -12.13
N ASN B 410 2.42 -13.38 -12.77
CA ASN B 410 1.36 -14.38 -12.60
C ASN B 410 1.96 -15.76 -12.68
N MET B 411 1.48 -16.64 -11.81
CA MET B 411 1.93 -18.03 -11.82
C MET B 411 1.57 -18.85 -13.07
N PRO B 412 0.31 -18.87 -13.60
CA PRO B 412 0.01 -19.90 -14.62
C PRO B 412 0.63 -19.68 -16.00
N VAL B 413 0.72 -18.45 -16.49
CA VAL B 413 1.37 -18.27 -17.79
C VAL B 413 2.88 -18.39 -17.66
N HIS B 414 3.46 -18.07 -16.49
CA HIS B 414 4.90 -18.24 -16.30
C HIS B 414 5.27 -19.71 -16.14
N LYS B 415 4.38 -20.49 -15.52
CA LYS B 415 4.51 -21.94 -15.51
C LYS B 415 4.37 -22.53 -16.90
N TRP B 416 3.52 -21.92 -17.74
CA TRP B 416 3.39 -22.37 -19.13
C TRP B 416 4.66 -22.12 -19.94
N MET B 417 5.30 -20.95 -19.76
CA MET B 417 6.57 -20.70 -20.47
C MET B 417 7.71 -21.57 -19.94
N VAL B 418 7.78 -21.79 -18.62
CA VAL B 418 8.86 -22.63 -18.12
C VAL B 418 8.58 -24.12 -18.23
N ARG B 419 7.37 -24.52 -18.64
CA ARG B 419 7.11 -25.91 -18.88
C ARG B 419 7.06 -26.30 -20.35
N HIS B 420 6.79 -25.36 -21.26
CA HIS B 420 6.52 -25.75 -22.63
C HIS B 420 7.41 -25.11 -23.70
N ILE B 421 8.06 -23.99 -23.42
CA ILE B 421 8.80 -23.30 -24.48
C ILE B 421 10.26 -23.08 -24.08
N TYR B 422 10.48 -22.52 -22.88
CA TYR B 422 11.83 -22.22 -22.41
C TYR B 422 12.62 -23.49 -22.11
N PHE B 423 12.02 -24.40 -21.38
CA PHE B 423 12.76 -25.57 -20.91
C PHE B 423 12.86 -26.67 -21.98
N PRO B 424 11.89 -26.88 -22.88
CA PRO B 424 12.22 -27.60 -24.13
C PRO B 424 13.32 -26.97 -24.97
N CYS B 425 13.48 -25.64 -24.96
CA CYS B 425 14.65 -25.05 -25.59
C CYS B 425 15.91 -25.34 -24.80
N LEU B 426 15.81 -25.43 -23.48
CA LEU B 426 16.97 -25.65 -22.62
C LEU B 426 17.26 -27.11 -22.34
N ARG B 427 16.53 -28.03 -22.99
CA ARG B 427 16.88 -29.46 -22.90
C ARG B 427 18.22 -29.74 -23.58
N SER B 428 18.37 -29.27 -24.81
CA SER B 428 19.62 -29.41 -25.55
C SER B 428 19.68 -28.33 -26.62
N LYS B 429 20.90 -28.01 -27.05
CA LYS B 429 21.35 -27.32 -28.27
C LYS B 429 20.85 -25.87 -28.44
N ILE B 430 20.05 -25.33 -27.54
CA ILE B 430 19.68 -23.91 -27.54
C ILE B 430 19.97 -23.35 -26.15
N PRO B 431 20.72 -22.27 -26.02
CA PRO B 431 20.92 -21.65 -24.70
C PRO B 431 19.74 -20.73 -24.36
N LYS B 432 19.81 -20.15 -23.16
CA LYS B 432 18.73 -19.28 -22.69
C LYS B 432 18.75 -17.91 -23.37
N THR B 433 19.89 -17.53 -23.96
CA THR B 433 20.12 -16.21 -24.56
C THR B 433 19.55 -16.08 -25.97
N LEU B 434 18.78 -17.07 -26.42
CA LEU B 434 17.79 -16.90 -27.47
C LEU B 434 16.43 -17.41 -27.04
N ALA B 435 16.37 -18.19 -25.94
CA ALA B 435 15.12 -18.73 -25.46
C ALA B 435 14.24 -17.64 -24.84
N ILE B 436 14.86 -16.65 -24.18
CA ILE B 436 14.10 -15.52 -23.64
C ILE B 436 13.51 -14.66 -24.77
N ILE B 437 14.24 -14.54 -25.88
CA ILE B 437 13.77 -13.76 -27.02
C ILE B 437 12.64 -14.48 -27.75
N ILE B 438 12.75 -15.81 -27.90
CA ILE B 438 11.66 -16.52 -28.59
C ILE B 438 10.41 -16.68 -27.70
N ALA B 439 10.59 -16.75 -26.37
CA ALA B 439 9.43 -16.78 -25.47
C ALA B 439 8.73 -15.42 -25.44
N PHE B 440 9.50 -14.33 -25.42
CA PHE B 440 8.88 -13.03 -25.51
C PHE B 440 8.37 -12.70 -26.91
N LEU B 441 8.88 -13.38 -27.95
CA LEU B 441 8.31 -13.23 -29.29
C LEU B 441 6.93 -13.87 -29.37
N VAL B 442 6.76 -15.05 -28.77
CA VAL B 442 5.43 -15.65 -28.82
C VAL B 442 4.48 -14.93 -27.86
N SER B 443 5.00 -14.31 -26.79
CA SER B 443 4.15 -13.46 -25.95
C SER B 443 3.78 -12.16 -26.65
N ALA B 444 4.67 -11.64 -27.49
CA ALA B 444 4.37 -10.49 -28.34
C ALA B 444 3.30 -10.83 -29.37
N VAL B 445 3.36 -12.05 -29.92
CA VAL B 445 2.35 -12.54 -30.87
C VAL B 445 1.00 -12.64 -30.18
N PHE B 446 0.98 -13.11 -28.92
CA PHE B 446 -0.28 -13.22 -28.17
C PHE B 446 -0.84 -11.85 -27.80
N HIS B 447 0.02 -10.90 -27.45
CA HIS B 447 -0.45 -9.56 -27.11
C HIS B 447 -0.95 -8.81 -28.35
N GLU B 448 -0.29 -9.01 -29.50
CA GLU B 448 -0.74 -8.40 -30.74
C GLU B 448 -2.04 -9.02 -31.22
N LEU B 449 -2.19 -10.34 -31.09
CA LEU B 449 -3.45 -11.01 -31.41
C LEU B 449 -4.56 -10.62 -30.45
N CYS B 450 -4.23 -10.29 -29.21
CA CYS B 450 -5.22 -9.84 -28.25
C CYS B 450 -5.68 -8.42 -28.52
N ILE B 451 -4.78 -7.52 -28.91
CA ILE B 451 -5.08 -6.09 -28.93
C ILE B 451 -5.34 -5.58 -30.35
N ALA B 452 -4.45 -5.87 -31.32
CA ALA B 452 -4.52 -5.19 -32.60
C ALA B 452 -5.55 -5.81 -33.54
N VAL B 453 -5.78 -7.11 -33.44
CA VAL B 453 -6.77 -7.83 -34.24
C VAL B 453 -8.23 -7.41 -33.97
N PRO B 454 -8.75 -7.23 -32.73
CA PRO B 454 -10.13 -6.74 -32.61
C PRO B 454 -10.34 -5.28 -33.02
N CYS B 455 -9.29 -4.47 -33.08
CA CYS B 455 -9.40 -3.15 -33.67
C CYS B 455 -9.06 -3.15 -35.17
N ARG B 456 -8.61 -4.30 -35.69
CA ARG B 456 -8.18 -4.63 -37.07
C ARG B 456 -7.38 -3.54 -37.78
N LEU B 457 -6.45 -2.91 -37.06
CA LEU B 457 -5.69 -1.79 -37.59
C LEU B 457 -4.22 -2.09 -37.87
N PHE B 458 -3.67 -3.16 -37.27
CA PHE B 458 -2.30 -3.68 -37.51
C PHE B 458 -1.22 -2.63 -37.23
N LYS B 459 -1.25 -2.09 -36.01
CA LYS B 459 -0.33 -1.00 -35.67
C LYS B 459 1.08 -1.50 -35.39
N LEU B 460 1.18 -2.70 -34.79
CA LEU B 460 2.42 -3.29 -34.24
C LEU B 460 3.11 -2.34 -33.25
N TRP B 461 2.31 -1.70 -32.40
CA TRP B 461 2.82 -0.84 -31.35
C TRP B 461 2.91 -1.54 -30.00
N ALA B 462 1.97 -2.45 -29.71
CA ALA B 462 2.12 -3.32 -28.56
C ALA B 462 3.13 -4.42 -28.83
N PHE B 463 3.32 -4.78 -30.10
CA PHE B 463 4.37 -5.70 -30.49
C PHE B 463 5.74 -5.10 -30.28
N LEU B 464 5.95 -3.88 -30.79
CA LEU B 464 7.24 -3.22 -30.61
C LEU B 464 7.41 -2.69 -29.20
N GLY B 465 6.31 -2.35 -28.52
CA GLY B 465 6.38 -1.88 -27.15
C GLY B 465 6.72 -2.94 -26.14
N ILE B 466 6.49 -4.21 -26.47
CA ILE B 466 6.93 -5.32 -25.62
C ILE B 466 8.16 -6.01 -26.19
N MET B 467 8.49 -5.78 -27.46
CA MET B 467 9.81 -6.14 -27.99
C MET B 467 10.89 -5.19 -27.51
N PHE B 468 10.51 -3.98 -27.09
CA PHE B 468 11.46 -3.09 -26.41
C PHE B 468 11.81 -3.61 -25.03
N GLN B 469 10.89 -4.36 -24.40
CA GLN B 469 11.12 -4.89 -23.06
C GLN B 469 12.19 -5.97 -23.01
N VAL B 470 12.37 -6.70 -24.11
CA VAL B 470 13.29 -7.85 -24.16
C VAL B 470 14.77 -7.46 -24.05
N PRO B 471 15.22 -6.32 -24.60
CA PRO B 471 16.55 -5.83 -24.30
C PRO B 471 16.43 -5.20 -22.91
N LEU B 472 15.25 -4.72 -22.52
CA LEU B 472 15.09 -4.01 -21.22
C LEU B 472 15.37 -4.92 -20.02
N VAL B 473 14.94 -6.17 -20.07
CA VAL B 473 15.16 -7.12 -18.95
C VAL B 473 16.67 -7.25 -18.78
N PHE B 474 17.40 -7.38 -19.87
CA PHE B 474 18.88 -7.50 -19.81
C PHE B 474 19.47 -6.20 -19.28
N ILE B 475 18.94 -5.06 -19.75
CA ILE B 475 19.50 -3.74 -19.34
C ILE B 475 19.37 -3.60 -17.82
N THR B 476 18.13 -3.50 -17.34
CA THR B 476 17.94 -3.27 -15.92
C THR B 476 18.57 -4.37 -15.06
N ASN B 477 19.09 -5.44 -15.66
CA ASN B 477 19.86 -6.40 -14.88
C ASN B 477 21.32 -5.98 -14.78
N TYR B 478 21.85 -5.38 -15.86
CA TYR B 478 23.16 -4.75 -15.80
C TYR B 478 23.13 -3.48 -14.94
N LEU B 479 21.97 -2.81 -14.89
CA LEU B 479 21.84 -1.66 -14.00
C LEU B 479 21.69 -2.09 -12.55
N GLN B 480 20.98 -3.19 -12.28
CA GLN B 480 20.79 -3.64 -10.91
C GLN B 480 22.04 -4.28 -10.32
N GLU B 481 22.94 -4.80 -11.16
CA GLU B 481 24.21 -5.27 -10.65
C GLU B 481 25.07 -4.08 -10.22
N ARG B 482 25.87 -4.32 -9.17
CA ARG B 482 26.65 -3.30 -8.42
C ARG B 482 25.77 -2.17 -7.89
N PHE B 483 24.51 -2.46 -7.55
CA PHE B 483 23.53 -1.45 -7.18
C PHE B 483 22.68 -2.01 -6.04
N GLY B 484 21.58 -1.33 -5.77
CA GLY B 484 20.68 -1.75 -4.70
C GLY B 484 19.35 -2.27 -5.21
N SER B 485 18.70 -3.13 -4.42
CA SER B 485 17.38 -3.64 -4.77
C SER B 485 16.31 -2.56 -4.66
N THR B 486 16.49 -1.58 -3.77
CA THR B 486 15.50 -0.53 -3.54
C THR B 486 15.43 0.43 -4.71
N VAL B 487 16.59 0.90 -5.20
CA VAL B 487 16.60 1.79 -6.34
C VAL B 487 16.34 1.00 -7.64
N GLY B 488 16.55 -0.31 -7.62
CA GLY B 488 16.07 -1.15 -8.70
C GLY B 488 14.56 -1.23 -8.75
N ASN B 489 13.91 -1.23 -7.57
CA ASN B 489 12.45 -1.20 -7.54
C ASN B 489 11.90 0.16 -7.96
N MET B 490 12.62 1.23 -7.60
CA MET B 490 12.31 2.58 -8.09
C MET B 490 12.35 2.66 -9.61
N ILE B 491 13.42 2.14 -10.21
CA ILE B 491 13.52 2.18 -11.66
C ILE B 491 12.62 1.14 -12.32
N PHE B 492 12.20 0.09 -11.59
CA PHE B 492 11.16 -0.82 -12.10
C PHE B 492 9.84 -0.12 -12.23
N TRP B 493 9.45 0.65 -11.20
CA TRP B 493 8.16 1.33 -11.27
C TRP B 493 8.20 2.49 -12.26
N PHE B 494 9.39 3.08 -12.50
CA PHE B 494 9.52 4.04 -13.60
C PHE B 494 9.39 3.38 -14.97
N ILE B 495 9.99 2.19 -15.15
CA ILE B 495 9.89 1.44 -16.39
C ILE B 495 8.45 0.98 -16.63
N PHE B 496 7.78 0.53 -15.56
CA PHE B 496 6.39 0.11 -15.63
C PHE B 496 5.45 1.29 -15.83
N CYS B 497 5.87 2.50 -15.42
CA CYS B 497 5.12 3.69 -15.77
C CYS B 497 5.21 3.97 -17.27
N ILE B 498 6.43 4.12 -17.80
CA ILE B 498 6.53 4.63 -19.16
C ILE B 498 6.43 3.52 -20.20
N PHE B 499 7.40 2.61 -20.23
CA PHE B 499 7.39 1.53 -21.23
C PHE B 499 6.82 0.24 -20.62
N GLY B 500 5.60 0.31 -20.12
CA GLY B 500 5.06 -0.82 -19.38
C GLY B 500 3.74 -1.36 -19.89
N GLN B 501 3.04 -2.07 -19.01
CA GLN B 501 1.70 -2.58 -19.26
C GLN B 501 0.56 -1.56 -19.22
N PRO B 502 0.60 -0.46 -18.44
CA PRO B 502 -0.36 0.63 -18.70
C PRO B 502 -0.22 1.34 -20.05
N MET B 503 0.92 1.22 -20.75
CA MET B 503 1.03 1.71 -22.11
C MET B 503 0.10 0.96 -23.05
N CYS B 504 -0.11 -0.34 -22.80
CA CYS B 504 -1.05 -1.14 -23.59
C CYS B 504 -2.48 -0.68 -23.39
N VAL B 505 -2.83 -0.28 -22.17
CA VAL B 505 -4.16 0.27 -21.91
C VAL B 505 -4.28 1.69 -22.47
N LEU B 506 -3.17 2.44 -22.52
CA LEU B 506 -3.18 3.77 -23.10
C LEU B 506 -3.39 3.73 -24.61
N LEU B 507 -2.70 2.82 -25.29
CA LEU B 507 -2.94 2.62 -26.72
C LEU B 507 -4.27 1.92 -26.99
N TYR B 508 -4.77 1.16 -26.02
CA TYR B 508 -6.06 0.51 -26.13
C TYR B 508 -7.22 1.50 -25.98
N TYR B 509 -6.99 2.62 -25.29
CA TYR B 509 -7.97 3.71 -25.20
C TYR B 509 -7.53 4.92 -26.02
N HIS B 510 -6.86 4.67 -27.15
CA HIS B 510 -6.45 5.74 -28.05
C HIS B 510 -7.00 5.58 -29.46
N ASP B 511 -7.80 4.55 -29.71
CA ASP B 511 -8.34 4.29 -31.03
C ASP B 511 -9.62 5.09 -31.27
#